data_6FM8
# 
_entry.id   6FM8 
# 
_audit_conform.dict_name       mmcif_pdbx.dic 
_audit_conform.dict_version    5.391 
_audit_conform.dict_location   http://mmcif.pdb.org/dictionaries/ascii/mmcif_pdbx.dic 
# 
loop_
_database_2.database_id 
_database_2.database_code 
_database_2.pdbx_database_accession 
_database_2.pdbx_DOI 
PDB   6FM8         pdb_00006fm8 10.2210/pdb6fm8/pdb 
WWPDB D_1200008587 ?            ?                   
# 
loop_
_pdbx_audit_revision_history.ordinal 
_pdbx_audit_revision_history.data_content_type 
_pdbx_audit_revision_history.major_revision 
_pdbx_audit_revision_history.minor_revision 
_pdbx_audit_revision_history.revision_date 
1 'Structure model' 1 0 2019-03-13 
2 'Structure model' 1 1 2020-03-25 
3 'Structure model' 1 2 2024-05-01 
# 
_pdbx_audit_revision_details.ordinal             1 
_pdbx_audit_revision_details.revision_ordinal    1 
_pdbx_audit_revision_details.data_content_type   'Structure model' 
_pdbx_audit_revision_details.provider            repository 
_pdbx_audit_revision_details.type                'Initial release' 
_pdbx_audit_revision_details.description         ? 
_pdbx_audit_revision_details.details             ? 
# 
loop_
_pdbx_audit_revision_group.ordinal 
_pdbx_audit_revision_group.revision_ordinal 
_pdbx_audit_revision_group.data_content_type 
_pdbx_audit_revision_group.group 
1 2 'Structure model' 'Database references'    
2 3 'Structure model' 'Data collection'        
3 3 'Structure model' 'Database references'    
4 3 'Structure model' 'Refinement description' 
# 
loop_
_pdbx_audit_revision_category.ordinal 
_pdbx_audit_revision_category.revision_ordinal 
_pdbx_audit_revision_category.data_content_type 
_pdbx_audit_revision_category.category 
1 2 'Structure model' citation                      
2 3 'Structure model' chem_comp_atom                
3 3 'Structure model' chem_comp_bond                
4 3 'Structure model' database_2                    
5 3 'Structure model' pdbx_initial_refinement_model 
# 
loop_
_pdbx_audit_revision_item.ordinal 
_pdbx_audit_revision_item.revision_ordinal 
_pdbx_audit_revision_item.data_content_type 
_pdbx_audit_revision_item.item 
1 2 'Structure model' '_citation.country'                   
2 2 'Structure model' '_citation.journal_abbrev'            
3 2 'Structure model' '_citation.journal_id_CSD'            
4 2 'Structure model' '_citation.journal_id_ISSN'           
5 2 'Structure model' '_citation.pdbx_database_id_DOI'      
6 2 'Structure model' '_citation.title'                     
7 2 'Structure model' '_citation.year'                      
8 3 'Structure model' '_database_2.pdbx_DOI'                
9 3 'Structure model' '_database_2.pdbx_database_accession' 
# 
_pdbx_database_status.status_code                     REL 
_pdbx_database_status.status_code_sf                  REL 
_pdbx_database_status.status_code_mr                  ? 
_pdbx_database_status.entry_id                        6FM8 
_pdbx_database_status.recvd_initial_deposition_date   2018-01-30 
_pdbx_database_status.SG_entry                        N 
_pdbx_database_status.deposit_site                    PDBE 
_pdbx_database_status.process_site                    PDBE 
_pdbx_database_status.status_code_cs                  ? 
_pdbx_database_status.methods_development_category    ? 
_pdbx_database_status.pdb_format_compatible           Y 
_pdbx_database_status.status_code_nmr_data            ? 
# 
loop_
_audit_author.name 
_audit_author.pdbx_ordinal 
_audit_author.identifier_ORCID 
'Pal, M.'   1 ? 
'Roe, S.M.' 2 ? 
# 
_citation.abstract                  ? 
_citation.abstract_id_CAS           ? 
_citation.book_id_ISBN              ? 
_citation.book_publisher            ? 
_citation.book_publisher_city       ? 
_citation.book_title                ? 
_citation.coordinate_linkage        ? 
_citation.country                   UK 
_citation.database_id_Medline       ? 
_citation.details                   ? 
_citation.id                        primary 
_citation.journal_abbrev            'Nat Commun' 
_citation.journal_id_ASTM           ? 
_citation.journal_id_CSD            ? 
_citation.journal_id_ISSN           2041-1723 
_citation.journal_full              ? 
_citation.journal_issue             ? 
_citation.journal_volume            ? 
_citation.language                  ? 
_citation.page_first                ? 
_citation.page_last                 ? 
_citation.title                     'RPAP3 provides a flexible scaffold for coupling HSP90 to the human R2TP co-chaperone complex' 
_citation.year                      2020 
_citation.database_id_CSD           ? 
_citation.pdbx_database_id_DOI      10.1038/s41467-018-03942-1 
_citation.pdbx_database_id_PubMed   ? 
_citation.unpublished_flag          ? 
# 
loop_
_citation_author.citation_id 
_citation_author.name 
_citation_author.ordinal 
_citation_author.identifier_ORCID 
primary 'Pal, M.'   1 ? 
primary 'Roe, S.M.' 2 ? 
# 
loop_
_entity.id 
_entity.type 
_entity.src_method 
_entity.pdbx_description 
_entity.formula_weight 
_entity.pdbx_number_of_molecules 
_entity.pdbx_ec 
_entity.pdbx_mutation 
_entity.pdbx_fragment 
_entity.details 
1 polymer man 'RNA polymerase II-associated protein 3' 6145.213 1  ? ? ? ? 
2 water   nat water                                    18.015   41 ? ? ? ? 
# 
_entity_poly.entity_id                      1 
_entity_poly.type                           'polypeptide(L)' 
_entity_poly.nstd_linkage                   no 
_entity_poly.nstd_monomer                   no 
_entity_poly.pdbx_seq_one_letter_code       SLYPKLFQKNLDPDVFNQIVKILHDFYIEKEKPLLIFEILQRLSELKRFD 
_entity_poly.pdbx_seq_one_letter_code_can   SLYPKLFQKNLDPDVFNQIVKILHDFYIEKEKPLLIFEILQRLSELKRFD 
_entity_poly.pdbx_strand_id                 A 
_entity_poly.pdbx_target_identifier         ? 
# 
_pdbx_entity_nonpoly.entity_id   2 
_pdbx_entity_nonpoly.name        water 
_pdbx_entity_nonpoly.comp_id     HOH 
# 
loop_
_entity_poly_seq.entity_id 
_entity_poly_seq.num 
_entity_poly_seq.mon_id 
_entity_poly_seq.hetero 
1 1  SER n 
1 2  LEU n 
1 3  TYR n 
1 4  PRO n 
1 5  LYS n 
1 6  LEU n 
1 7  PHE n 
1 8  GLN n 
1 9  LYS n 
1 10 ASN n 
1 11 LEU n 
1 12 ASP n 
1 13 PRO n 
1 14 ASP n 
1 15 VAL n 
1 16 PHE n 
1 17 ASN n 
1 18 GLN n 
1 19 ILE n 
1 20 VAL n 
1 21 LYS n 
1 22 ILE n 
1 23 LEU n 
1 24 HIS n 
1 25 ASP n 
1 26 PHE n 
1 27 TYR n 
1 28 ILE n 
1 29 GLU n 
1 30 LYS n 
1 31 GLU n 
1 32 LYS n 
1 33 PRO n 
1 34 LEU n 
1 35 LEU n 
1 36 ILE n 
1 37 PHE n 
1 38 GLU n 
1 39 ILE n 
1 40 LEU n 
1 41 GLN n 
1 42 ARG n 
1 43 LEU n 
1 44 SER n 
1 45 GLU n 
1 46 LEU n 
1 47 LYS n 
1 48 ARG n 
1 49 PHE n 
1 50 ASP n 
# 
_entity_src_gen.entity_id                          1 
_entity_src_gen.pdbx_src_id                        1 
_entity_src_gen.pdbx_alt_source_flag               sample 
_entity_src_gen.pdbx_seq_type                      'Biological sequence' 
_entity_src_gen.pdbx_beg_seq_num                   1 
_entity_src_gen.pdbx_end_seq_num                   50 
_entity_src_gen.gene_src_common_name               Human 
_entity_src_gen.gene_src_genus                     ? 
_entity_src_gen.pdbx_gene_src_gene                 RPAP3 
_entity_src_gen.gene_src_species                   ? 
_entity_src_gen.gene_src_strain                    ? 
_entity_src_gen.gene_src_tissue                    ? 
_entity_src_gen.gene_src_tissue_fraction           ? 
_entity_src_gen.gene_src_details                   ? 
_entity_src_gen.pdbx_gene_src_fragment             ? 
_entity_src_gen.pdbx_gene_src_scientific_name      'Homo sapiens' 
_entity_src_gen.pdbx_gene_src_ncbi_taxonomy_id     9606 
_entity_src_gen.pdbx_gene_src_variant              ? 
_entity_src_gen.pdbx_gene_src_cell_line            ? 
_entity_src_gen.pdbx_gene_src_atcc                 ? 
_entity_src_gen.pdbx_gene_src_organ                ? 
_entity_src_gen.pdbx_gene_src_organelle            ? 
_entity_src_gen.pdbx_gene_src_cell                 ? 
_entity_src_gen.pdbx_gene_src_cellular_location    ? 
_entity_src_gen.host_org_common_name               ? 
_entity_src_gen.pdbx_host_org_scientific_name      'Escherichia coli' 
_entity_src_gen.pdbx_host_org_ncbi_taxonomy_id     562 
_entity_src_gen.host_org_genus                     ? 
_entity_src_gen.pdbx_host_org_gene                 ? 
_entity_src_gen.pdbx_host_org_organ                ? 
_entity_src_gen.host_org_species                   ? 
_entity_src_gen.pdbx_host_org_tissue               ? 
_entity_src_gen.pdbx_host_org_tissue_fraction      ? 
_entity_src_gen.pdbx_host_org_strain               ? 
_entity_src_gen.pdbx_host_org_variant              ? 
_entity_src_gen.pdbx_host_org_cell_line            ? 
_entity_src_gen.pdbx_host_org_atcc                 ? 
_entity_src_gen.pdbx_host_org_culture_collection   ? 
_entity_src_gen.pdbx_host_org_cell                 ? 
_entity_src_gen.pdbx_host_org_organelle            ? 
_entity_src_gen.pdbx_host_org_cellular_location    ? 
_entity_src_gen.pdbx_host_org_vector_type          ? 
_entity_src_gen.pdbx_host_org_vector               ? 
_entity_src_gen.host_org_details                   ? 
_entity_src_gen.expression_system_id               ? 
_entity_src_gen.plasmid_name                       ? 
_entity_src_gen.plasmid_details                    ? 
_entity_src_gen.pdbx_description                   ? 
# 
loop_
_chem_comp.id 
_chem_comp.type 
_chem_comp.mon_nstd_flag 
_chem_comp.name 
_chem_comp.pdbx_synonyms 
_chem_comp.formula 
_chem_comp.formula_weight 
ARG 'L-peptide linking' y ARGININE        ? 'C6 H15 N4 O2 1' 175.209 
ASN 'L-peptide linking' y ASPARAGINE      ? 'C4 H8 N2 O3'    132.118 
ASP 'L-peptide linking' y 'ASPARTIC ACID' ? 'C4 H7 N O4'     133.103 
GLN 'L-peptide linking' y GLUTAMINE       ? 'C5 H10 N2 O3'   146.144 
GLU 'L-peptide linking' y 'GLUTAMIC ACID' ? 'C5 H9 N O4'     147.129 
HIS 'L-peptide linking' y HISTIDINE       ? 'C6 H10 N3 O2 1' 156.162 
HOH non-polymer         . WATER           ? 'H2 O'           18.015  
ILE 'L-peptide linking' y ISOLEUCINE      ? 'C6 H13 N O2'    131.173 
LEU 'L-peptide linking' y LEUCINE         ? 'C6 H13 N O2'    131.173 
LYS 'L-peptide linking' y LYSINE          ? 'C6 H15 N2 O2 1' 147.195 
PHE 'L-peptide linking' y PHENYLALANINE   ? 'C9 H11 N O2'    165.189 
PRO 'L-peptide linking' y PROLINE         ? 'C5 H9 N O2'     115.130 
SER 'L-peptide linking' y SERINE          ? 'C3 H7 N O3'     105.093 
TYR 'L-peptide linking' y TYROSINE        ? 'C9 H11 N O3'    181.189 
VAL 'L-peptide linking' y VALINE          ? 'C5 H11 N O2'    117.146 
# 
loop_
_pdbx_poly_seq_scheme.asym_id 
_pdbx_poly_seq_scheme.entity_id 
_pdbx_poly_seq_scheme.seq_id 
_pdbx_poly_seq_scheme.mon_id 
_pdbx_poly_seq_scheme.ndb_seq_num 
_pdbx_poly_seq_scheme.pdb_seq_num 
_pdbx_poly_seq_scheme.auth_seq_num 
_pdbx_poly_seq_scheme.pdb_mon_id 
_pdbx_poly_seq_scheme.auth_mon_id 
_pdbx_poly_seq_scheme.pdb_strand_id 
_pdbx_poly_seq_scheme.pdb_ins_code 
_pdbx_poly_seq_scheme.hetero 
A 1 1  SER 1  576 576 SER SER A . n 
A 1 2  LEU 2  577 577 LEU LEU A . n 
A 1 3  TYR 3  578 578 TYR TYR A . n 
A 1 4  PRO 4  579 579 PRO PRO A . n 
A 1 5  LYS 5  580 580 LYS LYS A . n 
A 1 6  LEU 6  581 581 LEU LEU A . n 
A 1 7  PHE 7  582 582 PHE PHE A . n 
A 1 8  GLN 8  583 583 GLN GLN A . n 
A 1 9  LYS 9  584 584 LYS LYS A . n 
A 1 10 ASN 10 585 585 ASN ASN A . n 
A 1 11 LEU 11 586 586 LEU LEU A . n 
A 1 12 ASP 12 587 587 ASP ASP A . n 
A 1 13 PRO 13 588 588 PRO PRO A . n 
A 1 14 ASP 14 589 589 ASP ASP A . n 
A 1 15 VAL 15 590 590 VAL VAL A . n 
A 1 16 PHE 16 591 591 PHE PHE A . n 
A 1 17 ASN 17 592 592 ASN ASN A . n 
A 1 18 GLN 18 593 593 GLN GLN A . n 
A 1 19 ILE 19 594 594 ILE ILE A . n 
A 1 20 VAL 20 595 595 VAL VAL A . n 
A 1 21 LYS 21 596 596 LYS LYS A . n 
A 1 22 ILE 22 597 597 ILE ILE A . n 
A 1 23 LEU 23 598 598 LEU LEU A . n 
A 1 24 HIS 24 599 599 HIS HIS A . n 
A 1 25 ASP 25 600 600 ASP ASP A . n 
A 1 26 PHE 26 601 601 PHE PHE A . n 
A 1 27 TYR 27 602 602 TYR TYR A . n 
A 1 28 ILE 28 603 603 ILE ILE A . n 
A 1 29 GLU 29 604 604 GLU GLU A . n 
A 1 30 LYS 30 605 605 LYS LYS A . n 
A 1 31 GLU 31 606 606 GLU GLU A . n 
A 1 32 LYS 32 607 607 LYS LYS A . n 
A 1 33 PRO 33 608 608 PRO PRO A . n 
A 1 34 LEU 34 609 609 LEU LEU A . n 
A 1 35 LEU 35 610 610 LEU LEU A . n 
A 1 36 ILE 36 611 611 ILE ILE A . n 
A 1 37 PHE 37 612 612 PHE PHE A . n 
A 1 38 GLU 38 613 613 GLU GLU A . n 
A 1 39 ILE 39 614 614 ILE ILE A . n 
A 1 40 LEU 40 615 615 LEU LEU A . n 
A 1 41 GLN 41 616 616 GLN GLN A . n 
A 1 42 ARG 42 617 617 ARG ARG A . n 
A 1 43 LEU 43 618 618 LEU LEU A . n 
A 1 44 SER 44 619 619 SER SER A . n 
A 1 45 GLU 45 620 620 GLU GLU A . n 
A 1 46 LEU 46 621 621 LEU LEU A . n 
A 1 47 LYS 47 622 622 LYS LYS A . n 
A 1 48 ARG 48 623 623 ARG ARG A . n 
A 1 49 PHE 49 624 624 PHE PHE A . n 
A 1 50 ASP 50 625 625 ASP ASP A . n 
# 
loop_
_pdbx_nonpoly_scheme.asym_id 
_pdbx_nonpoly_scheme.entity_id 
_pdbx_nonpoly_scheme.mon_id 
_pdbx_nonpoly_scheme.ndb_seq_num 
_pdbx_nonpoly_scheme.pdb_seq_num 
_pdbx_nonpoly_scheme.auth_seq_num 
_pdbx_nonpoly_scheme.pdb_mon_id 
_pdbx_nonpoly_scheme.auth_mon_id 
_pdbx_nonpoly_scheme.pdb_strand_id 
_pdbx_nonpoly_scheme.pdb_ins_code 
B 2 HOH 1  701 5  HOH HOH A . 
B 2 HOH 2  702 17 HOH HOH A . 
B 2 HOH 3  703 24 HOH HOH A . 
B 2 HOH 4  704 19 HOH HOH A . 
B 2 HOH 5  705 31 HOH HOH A . 
B 2 HOH 6  706 2  HOH HOH A . 
B 2 HOH 7  707 3  HOH HOH A . 
B 2 HOH 8  708 38 HOH HOH A . 
B 2 HOH 9  709 4  HOH HOH A . 
B 2 HOH 10 710 34 HOH HOH A . 
B 2 HOH 11 711 33 HOH HOH A . 
B 2 HOH 12 712 25 HOH HOH A . 
B 2 HOH 13 713 13 HOH HOH A . 
B 2 HOH 14 714 8  HOH HOH A . 
B 2 HOH 15 715 15 HOH HOH A . 
B 2 HOH 16 716 40 HOH HOH A . 
B 2 HOH 17 717 6  HOH HOH A . 
B 2 HOH 18 718 7  HOH HOH A . 
B 2 HOH 19 719 23 HOH HOH A . 
B 2 HOH 20 720 35 HOH HOH A . 
B 2 HOH 21 721 42 HOH HOH A . 
B 2 HOH 22 722 1  HOH HOH A . 
B 2 HOH 23 723 18 HOH HOH A . 
B 2 HOH 24 724 32 HOH HOH A . 
B 2 HOH 25 725 30 HOH HOH A . 
B 2 HOH 26 726 10 HOH HOH A . 
B 2 HOH 27 727 36 HOH HOH A . 
B 2 HOH 28 728 14 HOH HOH A . 
B 2 HOH 29 729 43 HOH HOH A . 
B 2 HOH 30 730 27 HOH HOH A . 
B 2 HOH 31 731 12 HOH HOH A . 
B 2 HOH 32 732 39 HOH HOH A . 
B 2 HOH 33 733 16 HOH HOH A . 
B 2 HOH 34 734 22 HOH HOH A . 
B 2 HOH 35 735 20 HOH HOH A . 
B 2 HOH 36 736 11 HOH HOH A . 
B 2 HOH 37 737 44 HOH HOH A . 
B 2 HOH 38 738 28 HOH HOH A . 
B 2 HOH 39 739 26 HOH HOH A . 
B 2 HOH 40 740 9  HOH HOH A . 
B 2 HOH 41 741 21 HOH HOH A . 
# 
loop_
_pdbx_unobs_or_zero_occ_atoms.id 
_pdbx_unobs_or_zero_occ_atoms.PDB_model_num 
_pdbx_unobs_or_zero_occ_atoms.polymer_flag 
_pdbx_unobs_or_zero_occ_atoms.occupancy_flag 
_pdbx_unobs_or_zero_occ_atoms.auth_asym_id 
_pdbx_unobs_or_zero_occ_atoms.auth_comp_id 
_pdbx_unobs_or_zero_occ_atoms.auth_seq_id 
_pdbx_unobs_or_zero_occ_atoms.PDB_ins_code 
_pdbx_unobs_or_zero_occ_atoms.auth_atom_id 
_pdbx_unobs_or_zero_occ_atoms.label_alt_id 
_pdbx_unobs_or_zero_occ_atoms.label_asym_id 
_pdbx_unobs_or_zero_occ_atoms.label_comp_id 
_pdbx_unobs_or_zero_occ_atoms.label_seq_id 
_pdbx_unobs_or_zero_occ_atoms.label_atom_id 
1  1 Y 1 A SER 576 ? OG  ? A SER 1  OG  
2  1 Y 1 A LEU 577 ? CG  ? A LEU 2  CG  
3  1 Y 1 A LEU 577 ? CD1 ? A LEU 2  CD1 
4  1 Y 1 A LEU 577 ? CD2 ? A LEU 2  CD2 
5  1 Y 1 A TYR 578 ? CG  ? A TYR 3  CG  
6  1 Y 1 A TYR 578 ? CD1 ? A TYR 3  CD1 
7  1 Y 1 A TYR 578 ? CD2 ? A TYR 3  CD2 
8  1 Y 1 A TYR 578 ? CE1 ? A TYR 3  CE1 
9  1 Y 1 A TYR 578 ? CE2 ? A TYR 3  CE2 
10 1 Y 1 A TYR 578 ? CZ  ? A TYR 3  CZ  
11 1 Y 1 A TYR 578 ? OH  ? A TYR 3  OH  
12 1 Y 1 A LYS 580 ? CG  ? A LYS 5  CG  
13 1 Y 1 A LYS 580 ? CD  ? A LYS 5  CD  
14 1 Y 1 A LYS 580 ? CE  ? A LYS 5  CE  
15 1 Y 1 A LYS 580 ? NZ  ? A LYS 5  NZ  
16 1 Y 1 A LYS 596 ? CD  ? A LYS 21 CD  
17 1 Y 1 A LYS 596 ? CE  ? A LYS 21 CE  
18 1 Y 1 A LYS 596 ? NZ  ? A LYS 21 NZ  
19 1 Y 1 A GLU 604 ? CD  ? A GLU 29 CD  
20 1 Y 1 A GLU 604 ? OE1 ? A GLU 29 OE1 
21 1 Y 1 A GLU 604 ? OE2 ? A GLU 29 OE2 
22 1 Y 1 A GLU 613 ? CD  ? A GLU 38 CD  
23 1 Y 1 A GLU 613 ? OE1 ? A GLU 38 OE1 
24 1 Y 1 A GLU 613 ? OE2 ? A GLU 38 OE2 
25 1 Y 1 A ARG 617 ? NE  ? A ARG 42 NE  
26 1 Y 1 A ARG 617 ? CZ  ? A ARG 42 CZ  
27 1 Y 1 A ARG 617 ? NH1 ? A ARG 42 NH1 
28 1 Y 1 A ARG 617 ? NH2 ? A ARG 42 NH2 
29 1 Y 1 A ARG 623 ? CD  ? A ARG 48 CD  
30 1 Y 1 A ARG 623 ? NE  ? A ARG 48 NE  
31 1 Y 1 A ARG 623 ? CZ  ? A ARG 48 CZ  
32 1 Y 1 A ARG 623 ? NH1 ? A ARG 48 NH1 
33 1 Y 1 A ARG 623 ? NH2 ? A ARG 48 NH2 
34 1 Y 1 A PHE 624 ? CG  ? A PHE 49 CG  
35 1 Y 1 A PHE 624 ? CD1 ? A PHE 49 CD1 
36 1 Y 1 A PHE 624 ? CD2 ? A PHE 49 CD2 
37 1 Y 1 A PHE 624 ? CE1 ? A PHE 49 CE1 
38 1 Y 1 A PHE 624 ? CE2 ? A PHE 49 CE2 
39 1 Y 1 A PHE 624 ? CZ  ? A PHE 49 CZ  
40 1 Y 1 A ASP 625 ? CG  ? A ASP 50 CG  
41 1 Y 1 A ASP 625 ? OD1 ? A ASP 50 OD1 
42 1 Y 1 A ASP 625 ? OD2 ? A ASP 50 OD2 
# 
loop_
_software.citation_id 
_software.classification 
_software.compiler_name 
_software.compiler_version 
_software.contact_author 
_software.contact_author_email 
_software.date 
_software.description 
_software.dependencies 
_software.hardware 
_software.language 
_software.location 
_software.mods 
_software.name 
_software.os 
_software.os_version 
_software.type 
_software.version 
_software.pdbx_ordinal 
? refinement       ? ? ? ? ? ? ? ? ? ? ? BUSTER     ? ? ? 2.10.3 1 
? 'data reduction' ? ? ? ? ? ? ? ? ? ? ? xia2       ? ? ? .      2 
? 'data scaling'   ? ? ? ? ? ? ? ? ? ? ? xia2       ? ? ? .      3 
? phasing          ? ? ? ? ? ? ? ? ? ? ? Arcimboldo ? ? ? .      4 
# 
_cell.angle_alpha                  90.00 
_cell.angle_alpha_esd              ? 
_cell.angle_beta                   90.00 
_cell.angle_beta_esd               ? 
_cell.angle_gamma                  90.00 
_cell.angle_gamma_esd              ? 
_cell.entry_id                     6FM8 
_cell.details                      ? 
_cell.formula_units_Z              ? 
_cell.length_a                     39.631 
_cell.length_a_esd                 ? 
_cell.length_b                     39.631 
_cell.length_b_esd                 ? 
_cell.length_c                     70.426 
_cell.length_c_esd                 ? 
_cell.volume                       ? 
_cell.volume_esd                   ? 
_cell.Z_PDB                        8 
_cell.reciprocal_angle_alpha       ? 
_cell.reciprocal_angle_beta        ? 
_cell.reciprocal_angle_gamma       ? 
_cell.reciprocal_angle_alpha_esd   ? 
_cell.reciprocal_angle_beta_esd    ? 
_cell.reciprocal_angle_gamma_esd   ? 
_cell.reciprocal_length_a          ? 
_cell.reciprocal_length_b          ? 
_cell.reciprocal_length_c          ? 
_cell.reciprocal_length_a_esd      ? 
_cell.reciprocal_length_b_esd      ? 
_cell.reciprocal_length_c_esd      ? 
_cell.pdbx_unique_axis             ? 
# 
_symmetry.entry_id                         6FM8 
_symmetry.cell_setting                     ? 
_symmetry.Int_Tables_number                96 
_symmetry.space_group_name_Hall            ? 
_symmetry.space_group_name_H-M             'P 43 21 2' 
_symmetry.pdbx_full_space_group_name_H-M   ? 
# 
_exptl.absorpt_coefficient_mu     ? 
_exptl.absorpt_correction_T_max   ? 
_exptl.absorpt_correction_T_min   ? 
_exptl.absorpt_correction_type    ? 
_exptl.absorpt_process_details    ? 
_exptl.entry_id                   6FM8 
_exptl.crystals_number            1 
_exptl.details                    ? 
_exptl.method                     'X-RAY DIFFRACTION' 
_exptl.method_details             ? 
# 
_exptl_crystal.colour                      ? 
_exptl_crystal.density_diffrn              ? 
_exptl_crystal.density_Matthews            2.51 
_exptl_crystal.density_method              ? 
_exptl_crystal.density_percent_sol         51 
_exptl_crystal.description                 'Tetragonal bipyramidal' 
_exptl_crystal.F_000                       ? 
_exptl_crystal.id                          1 
_exptl_crystal.preparation                 ? 
_exptl_crystal.size_max                    ? 
_exptl_crystal.size_mid                    ? 
_exptl_crystal.size_min                    ? 
_exptl_crystal.size_rad                    ? 
_exptl_crystal.colour_lustre               ? 
_exptl_crystal.colour_modifier             ? 
_exptl_crystal.colour_primary              ? 
_exptl_crystal.density_meas                ? 
_exptl_crystal.density_meas_esd            ? 
_exptl_crystal.density_meas_gt             ? 
_exptl_crystal.density_meas_lt             ? 
_exptl_crystal.density_meas_temp           ? 
_exptl_crystal.density_meas_temp_esd       ? 
_exptl_crystal.density_meas_temp_gt        ? 
_exptl_crystal.density_meas_temp_lt        ? 
_exptl_crystal.pdbx_crystal_image_url      ? 
_exptl_crystal.pdbx_crystal_image_format   ? 
_exptl_crystal.pdbx_mosaicity              ? 
_exptl_crystal.pdbx_mosaicity_esd          ? 
# 
_exptl_crystal_grow.apparatus       ? 
_exptl_crystal_grow.atmosphere      ? 
_exptl_crystal_grow.crystal_id      1 
_exptl_crystal_grow.details         ? 
_exptl_crystal_grow.method          'VAPOR DIFFUSION, SITTING DROP' 
_exptl_crystal_grow.method_ref      ? 
_exptl_crystal_grow.pH              7.0 
_exptl_crystal_grow.pressure        ? 
_exptl_crystal_grow.pressure_esd    ? 
_exptl_crystal_grow.seeding         ? 
_exptl_crystal_grow.seeding_ref     ? 
_exptl_crystal_grow.temp            287 
_exptl_crystal_grow.temp_details    ? 
_exptl_crystal_grow.temp_esd        ? 
_exptl_crystal_grow.time            ? 
_exptl_crystal_grow.pdbx_details    '0.5M Potassium thiocyanate, 0.1M Bis-Tris Propane pH 7.0' 
_exptl_crystal_grow.pdbx_pH_range   ? 
# 
_diffrn.ambient_environment    ? 
_diffrn.ambient_temp           100 
_diffrn.ambient_temp_details   ? 
_diffrn.ambient_temp_esd       ? 
_diffrn.crystal_id             1 
_diffrn.crystal_support        ? 
_diffrn.crystal_treatment      ? 
_diffrn.details                ? 
_diffrn.id                     1 
_diffrn.ambient_pressure       ? 
_diffrn.ambient_pressure_esd   ? 
_diffrn.ambient_pressure_gt    ? 
_diffrn.ambient_pressure_lt    ? 
_diffrn.ambient_temp_gt        ? 
_diffrn.ambient_temp_lt        ? 
# 
_diffrn_detector.details                      ? 
_diffrn_detector.detector                     PIXEL 
_diffrn_detector.diffrn_id                    1 
_diffrn_detector.type                         'DECTRIS PILATUS 6M-F' 
_diffrn_detector.area_resol_mean              ? 
_diffrn_detector.dtime                        ? 
_diffrn_detector.pdbx_frames_total            ? 
_diffrn_detector.pdbx_collection_time_total   ? 
_diffrn_detector.pdbx_collection_date         2018-01-22 
# 
_diffrn_radiation.collimation                      ? 
_diffrn_radiation.diffrn_id                        1 
_diffrn_radiation.filter_edge                      ? 
_diffrn_radiation.inhomogeneity                    ? 
_diffrn_radiation.monochromator                    ? 
_diffrn_radiation.polarisn_norm                    ? 
_diffrn_radiation.polarisn_ratio                   ? 
_diffrn_radiation.probe                            ? 
_diffrn_radiation.type                             ? 
_diffrn_radiation.xray_symbol                      ? 
_diffrn_radiation.wavelength_id                    1 
_diffrn_radiation.pdbx_monochromatic_or_laue_m_l   M 
_diffrn_radiation.pdbx_wavelength_list             ? 
_diffrn_radiation.pdbx_wavelength                  ? 
_diffrn_radiation.pdbx_diffrn_protocol             'SINGLE WAVELENGTH' 
_diffrn_radiation.pdbx_analyzer                    ? 
_diffrn_radiation.pdbx_scattering_type             x-ray 
# 
_diffrn_radiation_wavelength.id           1 
_diffrn_radiation_wavelength.wavelength   0.9763 
_diffrn_radiation_wavelength.wt           1.0 
# 
_diffrn_source.current                     ? 
_diffrn_source.details                     ? 
_diffrn_source.diffrn_id                   1 
_diffrn_source.power                       ? 
_diffrn_source.size                        ? 
_diffrn_source.source                      SYNCHROTRON 
_diffrn_source.target                      ? 
_diffrn_source.type                        'DIAMOND BEAMLINE I03' 
_diffrn_source.voltage                     ? 
_diffrn_source.take-off_angle              ? 
_diffrn_source.pdbx_wavelength_list        0.9763 
_diffrn_source.pdbx_wavelength             ? 
_diffrn_source.pdbx_synchrotron_beamline   I03 
_diffrn_source.pdbx_synchrotron_site       Diamond 
# 
_reflns.B_iso_Wilson_estimate            28.88 
_reflns.entry_id                         6FM8 
_reflns.data_reduction_details           ? 
_reflns.data_reduction_method            ? 
_reflns.d_resolution_high                1.78 
_reflns.d_resolution_low                 70.4 
_reflns.details                          ? 
_reflns.limit_h_max                      ? 
_reflns.limit_h_min                      ? 
_reflns.limit_k_max                      ? 
_reflns.limit_k_min                      ? 
_reflns.limit_l_max                      ? 
_reflns.limit_l_min                      ? 
_reflns.number_all                       ? 
_reflns.number_obs                       5844 
_reflns.observed_criterion               ? 
_reflns.observed_criterion_F_max         ? 
_reflns.observed_criterion_F_min         ? 
_reflns.observed_criterion_I_max         ? 
_reflns.observed_criterion_I_min         ? 
_reflns.observed_criterion_sigma_F       0 
_reflns.observed_criterion_sigma_I       0 
_reflns.percent_possible_obs             99.9 
_reflns.R_free_details                   ? 
_reflns.Rmerge_F_all                     ? 
_reflns.Rmerge_F_obs                     ? 
_reflns.Friedel_coverage                 ? 
_reflns.number_gt                        ? 
_reflns.threshold_expression             ? 
_reflns.pdbx_redundancy                  8.7 
_reflns.pdbx_Rmerge_I_obs                0.113 
_reflns.pdbx_Rmerge_I_all                ? 
_reflns.pdbx_Rsym_value                  ? 
_reflns.pdbx_netI_over_av_sigmaI         ? 
_reflns.pdbx_netI_over_sigmaI            8.9 
_reflns.pdbx_res_netI_over_av_sigmaI_2   ? 
_reflns.pdbx_res_netI_over_sigmaI_2      ? 
_reflns.pdbx_chi_squared                 ? 
_reflns.pdbx_scaling_rejects             ? 
_reflns.pdbx_d_res_high_opt              ? 
_reflns.pdbx_d_res_low_opt               ? 
_reflns.pdbx_d_res_opt_method            ? 
_reflns.phase_calculation_details        ? 
_reflns.pdbx_Rrim_I_all                  ? 
_reflns.pdbx_Rpim_I_all                  0.039 
_reflns.pdbx_d_opt                       ? 
_reflns.pdbx_number_measured_all         ? 
_reflns.pdbx_diffrn_id                   1 
_reflns.pdbx_ordinal                     1 
_reflns.pdbx_CC_half                     0.999 
_reflns.pdbx_R_split                     ? 
# 
_reflns_shell.d_res_high                  1.78 
_reflns_shell.d_res_low                   1.83 
_reflns_shell.meanI_over_sigI_all         ? 
_reflns_shell.meanI_over_sigI_obs         2.1 
_reflns_shell.number_measured_all         ? 
_reflns_shell.number_measured_obs         ? 
_reflns_shell.number_possible             ? 
_reflns_shell.number_unique_all           ? 
_reflns_shell.number_unique_obs           418 
_reflns_shell.percent_possible_all        100 
_reflns_shell.percent_possible_obs        ? 
_reflns_shell.Rmerge_F_all                ? 
_reflns_shell.Rmerge_F_obs                ? 
_reflns_shell.Rmerge_I_all                ? 
_reflns_shell.Rmerge_I_obs                0.87 
_reflns_shell.meanI_over_sigI_gt          ? 
_reflns_shell.meanI_over_uI_all           ? 
_reflns_shell.meanI_over_uI_gt            ? 
_reflns_shell.number_measured_gt          ? 
_reflns_shell.number_unique_gt            ? 
_reflns_shell.percent_possible_gt         ? 
_reflns_shell.Rmerge_F_gt                 ? 
_reflns_shell.Rmerge_I_gt                 ? 
_reflns_shell.pdbx_redundancy             9.0 
_reflns_shell.pdbx_Rsym_value             ? 
_reflns_shell.pdbx_chi_squared            ? 
_reflns_shell.pdbx_netI_over_sigmaI_all   ? 
_reflns_shell.pdbx_netI_over_sigmaI_obs   ? 
_reflns_shell.pdbx_Rrim_I_all             ? 
_reflns_shell.pdbx_Rpim_I_all             0.297 
_reflns_shell.pdbx_rejects                ? 
_reflns_shell.pdbx_ordinal                1 
_reflns_shell.pdbx_diffrn_id              1 
_reflns_shell.pdbx_CC_half                0.505 
_reflns_shell.pdbx_R_split                ? 
# 
_refine.aniso_B[1][1]                            -1.81470 
_refine.aniso_B[1][2]                            0.00000 
_refine.aniso_B[1][3]                            0.00000 
_refine.aniso_B[2][2]                            -1.81470 
_refine.aniso_B[2][3]                            0.00000 
_refine.aniso_B[3][3]                            3.62940 
_refine.B_iso_max                                ? 
_refine.B_iso_mean                               36.61 
_refine.B_iso_min                                ? 
_refine.correlation_coeff_Fo_to_Fc               0.942 
_refine.correlation_coeff_Fo_to_Fc_free          0.896 
_refine.details                                  ? 
_refine.diff_density_max                         ? 
_refine.diff_density_max_esd                     ? 
_refine.diff_density_min                         ? 
_refine.diff_density_min_esd                     ? 
_refine.diff_density_rms                         ? 
_refine.diff_density_rms_esd                     ? 
_refine.entry_id                                 6FM8 
_refine.pdbx_refine_id                           'X-RAY DIFFRACTION' 
_refine.ls_abs_structure_details                 ? 
_refine.ls_abs_structure_Flack                   ? 
_refine.ls_abs_structure_Flack_esd               ? 
_refine.ls_abs_structure_Rogers                  ? 
_refine.ls_abs_structure_Rogers_esd              ? 
_refine.ls_d_res_high                            1.78 
_refine.ls_d_res_low                             34.54 
_refine.ls_extinction_coef                       ? 
_refine.ls_extinction_coef_esd                   ? 
_refine.ls_extinction_expression                 ? 
_refine.ls_extinction_method                     ? 
_refine.ls_goodness_of_fit_all                   ? 
_refine.ls_goodness_of_fit_all_esd               ? 
_refine.ls_goodness_of_fit_obs                   ? 
_refine.ls_goodness_of_fit_obs_esd               ? 
_refine.ls_hydrogen_treatment                    ? 
_refine.ls_matrix_type                           ? 
_refine.ls_number_constraints                    ? 
_refine.ls_number_parameters                     ? 
_refine.ls_number_reflns_all                     ? 
_refine.ls_number_reflns_obs                     5727 
_refine.ls_number_reflns_R_free                  302 
_refine.ls_number_reflns_R_work                  ? 
_refine.ls_number_restraints                     ? 
_refine.ls_percent_reflns_obs                    98.5 
_refine.ls_percent_reflns_R_free                 5.270 
_refine.ls_R_factor_all                          ? 
_refine.ls_R_factor_obs                          0.233 
_refine.ls_R_factor_R_free                       0.270 
_refine.ls_R_factor_R_free_error                 ? 
_refine.ls_R_factor_R_free_error_details         ? 
_refine.ls_R_factor_R_work                       0.231 
_refine.ls_R_Fsqd_factor_obs                     ? 
_refine.ls_R_I_factor_obs                        ? 
_refine.ls_redundancy_reflns_all                 ? 
_refine.ls_redundancy_reflns_obs                 ? 
_refine.ls_restrained_S_all                      ? 
_refine.ls_restrained_S_obs                      ? 
_refine.ls_shift_over_esd_max                    ? 
_refine.ls_shift_over_esd_mean                   ? 
_refine.ls_structure_factor_coef                 ? 
_refine.ls_weighting_details                     ? 
_refine.ls_weighting_scheme                      ? 
_refine.ls_wR_factor_all                         ? 
_refine.ls_wR_factor_obs                         ? 
_refine.ls_wR_factor_R_free                      ? 
_refine.ls_wR_factor_R_work                      ? 
_refine.occupancy_max                            ? 
_refine.occupancy_min                            ? 
_refine.solvent_model_details                    ? 
_refine.solvent_model_param_bsol                 ? 
_refine.solvent_model_param_ksol                 ? 
_refine.ls_R_factor_gt                           ? 
_refine.ls_goodness_of_fit_gt                    ? 
_refine.ls_goodness_of_fit_ref                   ? 
_refine.ls_shift_over_su_max                     ? 
_refine.ls_shift_over_su_max_lt                  ? 
_refine.ls_shift_over_su_mean                    ? 
_refine.ls_shift_over_su_mean_lt                 ? 
_refine.pdbx_ls_sigma_I                          ? 
_refine.pdbx_ls_sigma_F                          0.000 
_refine.pdbx_ls_sigma_Fsqd                       ? 
_refine.pdbx_data_cutoff_high_absF               ? 
_refine.pdbx_data_cutoff_high_rms_absF           ? 
_refine.pdbx_data_cutoff_low_absF                ? 
_refine.pdbx_isotropic_thermal_model             ? 
_refine.pdbx_ls_cross_valid_method               THROUGHOUT 
_refine.pdbx_method_to_determine_struct          'MOLECULAR REPLACEMENT' 
_refine.pdbx_starting_model                      helix 
_refine.pdbx_stereochemistry_target_values       ? 
_refine.pdbx_R_Free_selection_details            RANDOM 
_refine.pdbx_stereochem_target_val_spec_case     ? 
_refine.pdbx_overall_ESU_R                       ? 
_refine.pdbx_overall_ESU_R_Free                  ? 
_refine.pdbx_solvent_vdw_probe_radii             ? 
_refine.pdbx_solvent_ion_probe_radii             ? 
_refine.pdbx_solvent_shrinkage_radii             ? 
_refine.pdbx_real_space_R                        ? 
_refine.pdbx_density_correlation                 ? 
_refine.pdbx_pd_number_of_powder_patterns        ? 
_refine.pdbx_pd_number_of_points                 ? 
_refine.pdbx_pd_meas_number_of_points            ? 
_refine.pdbx_pd_proc_ls_prof_R_factor            ? 
_refine.pdbx_pd_proc_ls_prof_wR_factor           ? 
_refine.pdbx_pd_Marquardt_correlation_coeff      ? 
_refine.pdbx_pd_Fsqrd_R_factor                   ? 
_refine.pdbx_pd_ls_matrix_band_width             ? 
_refine.pdbx_overall_phase_error                 ? 
_refine.pdbx_overall_SU_R_free_Cruickshank_DPI   0.134 
_refine.pdbx_overall_SU_R_free_Blow_DPI          0.143 
_refine.pdbx_overall_SU_R_Blow_DPI               0.153 
_refine.pdbx_TLS_residual_ADP_flag               ? 
_refine.pdbx_diffrn_id                           1 
_refine.overall_SU_B                             ? 
_refine.overall_SU_ML                            ? 
_refine.overall_SU_R_Cruickshank_DPI             0.138 
_refine.overall_SU_R_free                        ? 
_refine.overall_FOM_free_R_set                   ? 
_refine.overall_FOM_work_R_set                   ? 
_refine.pdbx_average_fsc_overall                 ? 
_refine.pdbx_average_fsc_work                    ? 
_refine.pdbx_average_fsc_free                    ? 
# 
_refine_analyze.entry_id                        6FM8 
_refine_analyze.pdbx_refine_id                  'X-RAY DIFFRACTION' 
_refine_analyze.Luzzati_coordinate_error_free   ? 
_refine_analyze.Luzzati_coordinate_error_obs    0.30 
_refine_analyze.Luzzati_d_res_low_free          ? 
_refine_analyze.Luzzati_d_res_low_obs           ? 
_refine_analyze.Luzzati_sigma_a_free            ? 
_refine_analyze.Luzzati_sigma_a_free_details    ? 
_refine_analyze.Luzzati_sigma_a_obs             ? 
_refine_analyze.Luzzati_sigma_a_obs_details     ? 
_refine_analyze.number_disordered_residues      ? 
_refine_analyze.occupancy_sum_hydrogen          ? 
_refine_analyze.occupancy_sum_non_hydrogen      ? 
_refine_analyze.RG_d_res_high                   ? 
_refine_analyze.RG_d_res_low                    ? 
_refine_analyze.RG_free                         ? 
_refine_analyze.RG_work                         ? 
_refine_analyze.RG_free_work_ratio              ? 
_refine_analyze.pdbx_Luzzati_d_res_high_obs     ? 
# 
_refine_hist.pdbx_refine_id                   'X-RAY DIFFRACTION' 
_refine_hist.cycle_id                         1 
_refine_hist.pdbx_number_atoms_protein        393 
_refine_hist.pdbx_number_atoms_nucleic_acid   0 
_refine_hist.pdbx_number_atoms_ligand         0 
_refine_hist.number_atoms_solvent             41 
_refine_hist.number_atoms_total               434 
_refine_hist.d_res_high                       1.78 
_refine_hist.d_res_low                        34.54 
# 
loop_
_refine_ls_restr.pdbx_refine_id 
_refine_ls_restr.criterion 
_refine_ls_restr.dev_ideal 
_refine_ls_restr.dev_ideal_target 
_refine_ls_restr.number 
_refine_ls_restr.rejects 
_refine_ls_restr.type 
_refine_ls_restr.weight 
_refine_ls_restr.pdbx_restraint_function 
'X-RAY DIFFRACTION' ? 0.010 ? 412 ? t_bond_d                  2.00  HARMONIC     
'X-RAY DIFFRACTION' ? 1.09  ? 561 ? t_angle_deg               2.00  HARMONIC     
'X-RAY DIFFRACTION' ? ?     ? 197 ? t_dihedral_angle_d        2.00  SINUSOIDAL   
'X-RAY DIFFRACTION' ? ?     ? ?   ? t_incorr_chiral_ct        ?     ?            
'X-RAY DIFFRACTION' ? ?     ? ?   ? t_pseud_angle             ?     ?            
'X-RAY DIFFRACTION' ? ?     ? 11  ? t_trig_c_planes           2.00  HARMONIC     
'X-RAY DIFFRACTION' ? ?     ? 59  ? t_gen_planes              5.00  HARMONIC     
'X-RAY DIFFRACTION' ? ?     ? 412 ? t_it                      20.00 HARMONIC     
'X-RAY DIFFRACTION' ? ?     ? ?   ? t_nbd                     ?     ?            
'X-RAY DIFFRACTION' ? 2.92  ? ?   ? t_omega_torsion           ?     ?            
'X-RAY DIFFRACTION' ? 2.66  ? ?   ? t_other_torsion           ?     ?            
'X-RAY DIFFRACTION' ? ?     ? ?   ? t_improper_torsion        ?     ?            
'X-RAY DIFFRACTION' ? ?     ? 57  ? t_chiral_improper_torsion 5.00  SEMIHARMONIC 
'X-RAY DIFFRACTION' ? ?     ? 2   ? t_sum_occupancies         1.00  HARMONIC     
'X-RAY DIFFRACTION' ? ?     ? ?   ? t_utility_distance        ?     ?            
'X-RAY DIFFRACTION' ? ?     ? ?   ? t_utility_angle           ?     ?            
'X-RAY DIFFRACTION' ? ?     ? ?   ? t_utility_torsion         ?     ?            
'X-RAY DIFFRACTION' ? ?     ? 563 ? t_ideal_dist_contact      4.00  SEMIHARMONIC 
# 
_refine_ls_shell.pdbx_refine_id                   'X-RAY DIFFRACTION' 
_refine_ls_shell.d_res_high                       1.78 
_refine_ls_shell.d_res_low                        1.99 
_refine_ls_shell.number_reflns_all                1558 
_refine_ls_shell.number_reflns_obs                ? 
_refine_ls_shell.number_reflns_R_free             ? 
_refine_ls_shell.number_reflns_R_work             1485 
_refine_ls_shell.percent_reflns_obs               96.95 
_refine_ls_shell.percent_reflns_R_free            4.69 
_refine_ls_shell.R_factor_all                     0.2833 
_refine_ls_shell.R_factor_obs                     ? 
_refine_ls_shell.R_factor_R_free                  0.3325 
_refine_ls_shell.R_factor_R_free_error            ? 
_refine_ls_shell.R_factor_R_work                  0.2808 
_refine_ls_shell.redundancy_reflns_all            ? 
_refine_ls_shell.redundancy_reflns_obs            ? 
_refine_ls_shell.wR_factor_all                    ? 
_refine_ls_shell.wR_factor_obs                    ? 
_refine_ls_shell.wR_factor_R_free                 ? 
_refine_ls_shell.wR_factor_R_work                 ? 
_refine_ls_shell.pdbx_total_number_of_bins_used   5 
_refine_ls_shell.pdbx_phase_error                 ? 
_refine_ls_shell.pdbx_fsc_work                    ? 
_refine_ls_shell.pdbx_fsc_free                    ? 
# 
_struct.entry_id                     6FM8 
_struct.title                        'RPAP3 c-terminus' 
_struct.pdbx_model_details           ? 
_struct.pdbx_formula_weight          ? 
_struct.pdbx_formula_weight_method   ? 
_struct.pdbx_model_type_details      ? 
_struct.pdbx_CASP_flag               N 
# 
_struct_keywords.entry_id        6FM8 
_struct_keywords.text            'Co-chaperone, polymerase, PROTEIN BINDING' 
_struct_keywords.pdbx_keywords   'PROTEIN BINDING' 
# 
loop_
_struct_asym.id 
_struct_asym.pdbx_blank_PDB_chainid_flag 
_struct_asym.pdbx_modified 
_struct_asym.entity_id 
_struct_asym.details 
A N N 1 ? 
B N N 2 ? 
# 
_struct_ref.id                         1 
_struct_ref.db_name                    UNP 
_struct_ref.db_code                    RPAP3_HUMAN 
_struct_ref.pdbx_db_accession          Q9H6T3 
_struct_ref.pdbx_db_isoform            ? 
_struct_ref.entity_id                  1 
_struct_ref.pdbx_seq_one_letter_code   SLYPKLFQKNLDPDVFNQIVKILHDFYIEKEKPLLIFEILQRLSELKRFD 
_struct_ref.pdbx_align_begin           576 
# 
_struct_ref_seq.align_id                      1 
_struct_ref_seq.ref_id                        1 
_struct_ref_seq.pdbx_PDB_id_code              6FM8 
_struct_ref_seq.pdbx_strand_id                A 
_struct_ref_seq.seq_align_beg                 1 
_struct_ref_seq.pdbx_seq_align_beg_ins_code   ? 
_struct_ref_seq.seq_align_end                 50 
_struct_ref_seq.pdbx_seq_align_end_ins_code   ? 
_struct_ref_seq.pdbx_db_accession             Q9H6T3 
_struct_ref_seq.db_align_beg                  576 
_struct_ref_seq.pdbx_db_align_beg_ins_code    ? 
_struct_ref_seq.db_align_end                  625 
_struct_ref_seq.pdbx_db_align_end_ins_code    ? 
_struct_ref_seq.pdbx_auth_seq_align_beg       576 
_struct_ref_seq.pdbx_auth_seq_align_end       625 
# 
_pdbx_struct_assembly.id                   1 
_pdbx_struct_assembly.details              author_and_software_defined_assembly 
_pdbx_struct_assembly.method_details       PISA 
_pdbx_struct_assembly.oligomeric_details   monomeric 
_pdbx_struct_assembly.oligomeric_count     1 
# 
loop_
_pdbx_struct_assembly_prop.biol_id 
_pdbx_struct_assembly_prop.type 
_pdbx_struct_assembly_prop.value 
_pdbx_struct_assembly_prop.details 
1 'ABSA (A^2)' 0    ? 
1 MORE         0    ? 
1 'SSA (A^2)'  4120 ? 
# 
_pdbx_struct_assembly_gen.assembly_id       1 
_pdbx_struct_assembly_gen.oper_expression   1 
_pdbx_struct_assembly_gen.asym_id_list      A,B 
# 
_pdbx_struct_assembly_auth_evidence.id                     1 
_pdbx_struct_assembly_auth_evidence.assembly_id            1 
_pdbx_struct_assembly_auth_evidence.experimental_support   none 
_pdbx_struct_assembly_auth_evidence.details                ? 
# 
_pdbx_struct_oper_list.id                   1 
_pdbx_struct_oper_list.type                 'identity operation' 
_pdbx_struct_oper_list.name                 1_555 
_pdbx_struct_oper_list.symmetry_operation   x,y,z 
_pdbx_struct_oper_list.matrix[1][1]         1.0000000000 
_pdbx_struct_oper_list.matrix[1][2]         0.0000000000 
_pdbx_struct_oper_list.matrix[1][3]         0.0000000000 
_pdbx_struct_oper_list.vector[1]            0.0000000000 
_pdbx_struct_oper_list.matrix[2][1]         0.0000000000 
_pdbx_struct_oper_list.matrix[2][2]         1.0000000000 
_pdbx_struct_oper_list.matrix[2][3]         0.0000000000 
_pdbx_struct_oper_list.vector[2]            0.0000000000 
_pdbx_struct_oper_list.matrix[3][1]         0.0000000000 
_pdbx_struct_oper_list.matrix[3][2]         0.0000000000 
_pdbx_struct_oper_list.matrix[3][3]         1.0000000000 
_pdbx_struct_oper_list.vector[3]            0.0000000000 
# 
loop_
_struct_conf.conf_type_id 
_struct_conf.id 
_struct_conf.pdbx_PDB_helix_id 
_struct_conf.beg_label_comp_id 
_struct_conf.beg_label_asym_id 
_struct_conf.beg_label_seq_id 
_struct_conf.pdbx_beg_PDB_ins_code 
_struct_conf.end_label_comp_id 
_struct_conf.end_label_asym_id 
_struct_conf.end_label_seq_id 
_struct_conf.pdbx_end_PDB_ins_code 
_struct_conf.beg_auth_comp_id 
_struct_conf.beg_auth_asym_id 
_struct_conf.beg_auth_seq_id 
_struct_conf.end_auth_comp_id 
_struct_conf.end_auth_asym_id 
_struct_conf.end_auth_seq_id 
_struct_conf.pdbx_PDB_helix_class 
_struct_conf.details 
_struct_conf.pdbx_PDB_helix_length 
HELX_P HELX_P1 AA1 PRO A 4  ? LEU A 11 ? PRO A 579 LEU A 586 5 ? 8  
HELX_P HELX_P2 AA2 ASP A 12 ? LYS A 30 ? ASP A 587 LYS A 605 1 ? 19 
HELX_P HELX_P3 AA3 PRO A 33 ? PHE A 49 ? PRO A 608 PHE A 624 1 ? 17 
# 
_struct_conf_type.id          HELX_P 
_struct_conf_type.criteria    ? 
_struct_conf_type.reference   ? 
# 
loop_
_pdbx_validate_torsion.id 
_pdbx_validate_torsion.PDB_model_num 
_pdbx_validate_torsion.auth_comp_id 
_pdbx_validate_torsion.auth_asym_id 
_pdbx_validate_torsion.auth_seq_id 
_pdbx_validate_torsion.PDB_ins_code 
_pdbx_validate_torsion.label_alt_id 
_pdbx_validate_torsion.phi 
_pdbx_validate_torsion.psi 
1 1 TYR A 578 ? ? 125.39 -59.48 
2 1 PHE A 624 ? ? 73.97  -39.69 
# 
_pdbx_struct_special_symmetry.id              1 
_pdbx_struct_special_symmetry.PDB_model_num   1 
_pdbx_struct_special_symmetry.auth_asym_id    A 
_pdbx_struct_special_symmetry.auth_comp_id    HOH 
_pdbx_struct_special_symmetry.auth_seq_id     740 
_pdbx_struct_special_symmetry.PDB_ins_code    ? 
_pdbx_struct_special_symmetry.label_asym_id   B 
_pdbx_struct_special_symmetry.label_comp_id   HOH 
_pdbx_struct_special_symmetry.label_seq_id    . 
# 
loop_
_chem_comp_atom.comp_id 
_chem_comp_atom.atom_id 
_chem_comp_atom.type_symbol 
_chem_comp_atom.pdbx_aromatic_flag 
_chem_comp_atom.pdbx_stereo_config 
_chem_comp_atom.pdbx_ordinal 
ARG N    N N N 1   
ARG CA   C N S 2   
ARG C    C N N 3   
ARG O    O N N 4   
ARG CB   C N N 5   
ARG CG   C N N 6   
ARG CD   C N N 7   
ARG NE   N N N 8   
ARG CZ   C N N 9   
ARG NH1  N N N 10  
ARG NH2  N N N 11  
ARG OXT  O N N 12  
ARG H    H N N 13  
ARG H2   H N N 14  
ARG HA   H N N 15  
ARG HB2  H N N 16  
ARG HB3  H N N 17  
ARG HG2  H N N 18  
ARG HG3  H N N 19  
ARG HD2  H N N 20  
ARG HD3  H N N 21  
ARG HE   H N N 22  
ARG HH11 H N N 23  
ARG HH12 H N N 24  
ARG HH21 H N N 25  
ARG HH22 H N N 26  
ARG HXT  H N N 27  
ASN N    N N N 28  
ASN CA   C N S 29  
ASN C    C N N 30  
ASN O    O N N 31  
ASN CB   C N N 32  
ASN CG   C N N 33  
ASN OD1  O N N 34  
ASN ND2  N N N 35  
ASN OXT  O N N 36  
ASN H    H N N 37  
ASN H2   H N N 38  
ASN HA   H N N 39  
ASN HB2  H N N 40  
ASN HB3  H N N 41  
ASN HD21 H N N 42  
ASN HD22 H N N 43  
ASN HXT  H N N 44  
ASP N    N N N 45  
ASP CA   C N S 46  
ASP C    C N N 47  
ASP O    O N N 48  
ASP CB   C N N 49  
ASP CG   C N N 50  
ASP OD1  O N N 51  
ASP OD2  O N N 52  
ASP OXT  O N N 53  
ASP H    H N N 54  
ASP H2   H N N 55  
ASP HA   H N N 56  
ASP HB2  H N N 57  
ASP HB3  H N N 58  
ASP HD2  H N N 59  
ASP HXT  H N N 60  
GLN N    N N N 61  
GLN CA   C N S 62  
GLN C    C N N 63  
GLN O    O N N 64  
GLN CB   C N N 65  
GLN CG   C N N 66  
GLN CD   C N N 67  
GLN OE1  O N N 68  
GLN NE2  N N N 69  
GLN OXT  O N N 70  
GLN H    H N N 71  
GLN H2   H N N 72  
GLN HA   H N N 73  
GLN HB2  H N N 74  
GLN HB3  H N N 75  
GLN HG2  H N N 76  
GLN HG3  H N N 77  
GLN HE21 H N N 78  
GLN HE22 H N N 79  
GLN HXT  H N N 80  
GLU N    N N N 81  
GLU CA   C N S 82  
GLU C    C N N 83  
GLU O    O N N 84  
GLU CB   C N N 85  
GLU CG   C N N 86  
GLU CD   C N N 87  
GLU OE1  O N N 88  
GLU OE2  O N N 89  
GLU OXT  O N N 90  
GLU H    H N N 91  
GLU H2   H N N 92  
GLU HA   H N N 93  
GLU HB2  H N N 94  
GLU HB3  H N N 95  
GLU HG2  H N N 96  
GLU HG3  H N N 97  
GLU HE2  H N N 98  
GLU HXT  H N N 99  
HIS N    N N N 100 
HIS CA   C N S 101 
HIS C    C N N 102 
HIS O    O N N 103 
HIS CB   C N N 104 
HIS CG   C Y N 105 
HIS ND1  N Y N 106 
HIS CD2  C Y N 107 
HIS CE1  C Y N 108 
HIS NE2  N Y N 109 
HIS OXT  O N N 110 
HIS H    H N N 111 
HIS H2   H N N 112 
HIS HA   H N N 113 
HIS HB2  H N N 114 
HIS HB3  H N N 115 
HIS HD1  H N N 116 
HIS HD2  H N N 117 
HIS HE1  H N N 118 
HIS HE2  H N N 119 
HIS HXT  H N N 120 
HOH O    O N N 121 
HOH H1   H N N 122 
HOH H2   H N N 123 
ILE N    N N N 124 
ILE CA   C N S 125 
ILE C    C N N 126 
ILE O    O N N 127 
ILE CB   C N S 128 
ILE CG1  C N N 129 
ILE CG2  C N N 130 
ILE CD1  C N N 131 
ILE OXT  O N N 132 
ILE H    H N N 133 
ILE H2   H N N 134 
ILE HA   H N N 135 
ILE HB   H N N 136 
ILE HG12 H N N 137 
ILE HG13 H N N 138 
ILE HG21 H N N 139 
ILE HG22 H N N 140 
ILE HG23 H N N 141 
ILE HD11 H N N 142 
ILE HD12 H N N 143 
ILE HD13 H N N 144 
ILE HXT  H N N 145 
LEU N    N N N 146 
LEU CA   C N S 147 
LEU C    C N N 148 
LEU O    O N N 149 
LEU CB   C N N 150 
LEU CG   C N N 151 
LEU CD1  C N N 152 
LEU CD2  C N N 153 
LEU OXT  O N N 154 
LEU H    H N N 155 
LEU H2   H N N 156 
LEU HA   H N N 157 
LEU HB2  H N N 158 
LEU HB3  H N N 159 
LEU HG   H N N 160 
LEU HD11 H N N 161 
LEU HD12 H N N 162 
LEU HD13 H N N 163 
LEU HD21 H N N 164 
LEU HD22 H N N 165 
LEU HD23 H N N 166 
LEU HXT  H N N 167 
LYS N    N N N 168 
LYS CA   C N S 169 
LYS C    C N N 170 
LYS O    O N N 171 
LYS CB   C N N 172 
LYS CG   C N N 173 
LYS CD   C N N 174 
LYS CE   C N N 175 
LYS NZ   N N N 176 
LYS OXT  O N N 177 
LYS H    H N N 178 
LYS H2   H N N 179 
LYS HA   H N N 180 
LYS HB2  H N N 181 
LYS HB3  H N N 182 
LYS HG2  H N N 183 
LYS HG3  H N N 184 
LYS HD2  H N N 185 
LYS HD3  H N N 186 
LYS HE2  H N N 187 
LYS HE3  H N N 188 
LYS HZ1  H N N 189 
LYS HZ2  H N N 190 
LYS HZ3  H N N 191 
LYS HXT  H N N 192 
PHE N    N N N 193 
PHE CA   C N S 194 
PHE C    C N N 195 
PHE O    O N N 196 
PHE CB   C N N 197 
PHE CG   C Y N 198 
PHE CD1  C Y N 199 
PHE CD2  C Y N 200 
PHE CE1  C Y N 201 
PHE CE2  C Y N 202 
PHE CZ   C Y N 203 
PHE OXT  O N N 204 
PHE H    H N N 205 
PHE H2   H N N 206 
PHE HA   H N N 207 
PHE HB2  H N N 208 
PHE HB3  H N N 209 
PHE HD1  H N N 210 
PHE HD2  H N N 211 
PHE HE1  H N N 212 
PHE HE2  H N N 213 
PHE HZ   H N N 214 
PHE HXT  H N N 215 
PRO N    N N N 216 
PRO CA   C N S 217 
PRO C    C N N 218 
PRO O    O N N 219 
PRO CB   C N N 220 
PRO CG   C N N 221 
PRO CD   C N N 222 
PRO OXT  O N N 223 
PRO H    H N N 224 
PRO HA   H N N 225 
PRO HB2  H N N 226 
PRO HB3  H N N 227 
PRO HG2  H N N 228 
PRO HG3  H N N 229 
PRO HD2  H N N 230 
PRO HD3  H N N 231 
PRO HXT  H N N 232 
SER N    N N N 233 
SER CA   C N S 234 
SER C    C N N 235 
SER O    O N N 236 
SER CB   C N N 237 
SER OG   O N N 238 
SER OXT  O N N 239 
SER H    H N N 240 
SER H2   H N N 241 
SER HA   H N N 242 
SER HB2  H N N 243 
SER HB3  H N N 244 
SER HG   H N N 245 
SER HXT  H N N 246 
TYR N    N N N 247 
TYR CA   C N S 248 
TYR C    C N N 249 
TYR O    O N N 250 
TYR CB   C N N 251 
TYR CG   C Y N 252 
TYR CD1  C Y N 253 
TYR CD2  C Y N 254 
TYR CE1  C Y N 255 
TYR CE2  C Y N 256 
TYR CZ   C Y N 257 
TYR OH   O N N 258 
TYR OXT  O N N 259 
TYR H    H N N 260 
TYR H2   H N N 261 
TYR HA   H N N 262 
TYR HB2  H N N 263 
TYR HB3  H N N 264 
TYR HD1  H N N 265 
TYR HD2  H N N 266 
TYR HE1  H N N 267 
TYR HE2  H N N 268 
TYR HH   H N N 269 
TYR HXT  H N N 270 
VAL N    N N N 271 
VAL CA   C N S 272 
VAL C    C N N 273 
VAL O    O N N 274 
VAL CB   C N N 275 
VAL CG1  C N N 276 
VAL CG2  C N N 277 
VAL OXT  O N N 278 
VAL H    H N N 279 
VAL H2   H N N 280 
VAL HA   H N N 281 
VAL HB   H N N 282 
VAL HG11 H N N 283 
VAL HG12 H N N 284 
VAL HG13 H N N 285 
VAL HG21 H N N 286 
VAL HG22 H N N 287 
VAL HG23 H N N 288 
VAL HXT  H N N 289 
# 
loop_
_chem_comp_bond.comp_id 
_chem_comp_bond.atom_id_1 
_chem_comp_bond.atom_id_2 
_chem_comp_bond.value_order 
_chem_comp_bond.pdbx_aromatic_flag 
_chem_comp_bond.pdbx_stereo_config 
_chem_comp_bond.pdbx_ordinal 
ARG N   CA   sing N N 1   
ARG N   H    sing N N 2   
ARG N   H2   sing N N 3   
ARG CA  C    sing N N 4   
ARG CA  CB   sing N N 5   
ARG CA  HA   sing N N 6   
ARG C   O    doub N N 7   
ARG C   OXT  sing N N 8   
ARG CB  CG   sing N N 9   
ARG CB  HB2  sing N N 10  
ARG CB  HB3  sing N N 11  
ARG CG  CD   sing N N 12  
ARG CG  HG2  sing N N 13  
ARG CG  HG3  sing N N 14  
ARG CD  NE   sing N N 15  
ARG CD  HD2  sing N N 16  
ARG CD  HD3  sing N N 17  
ARG NE  CZ   sing N N 18  
ARG NE  HE   sing N N 19  
ARG CZ  NH1  sing N N 20  
ARG CZ  NH2  doub N N 21  
ARG NH1 HH11 sing N N 22  
ARG NH1 HH12 sing N N 23  
ARG NH2 HH21 sing N N 24  
ARG NH2 HH22 sing N N 25  
ARG OXT HXT  sing N N 26  
ASN N   CA   sing N N 27  
ASN N   H    sing N N 28  
ASN N   H2   sing N N 29  
ASN CA  C    sing N N 30  
ASN CA  CB   sing N N 31  
ASN CA  HA   sing N N 32  
ASN C   O    doub N N 33  
ASN C   OXT  sing N N 34  
ASN CB  CG   sing N N 35  
ASN CB  HB2  sing N N 36  
ASN CB  HB3  sing N N 37  
ASN CG  OD1  doub N N 38  
ASN CG  ND2  sing N N 39  
ASN ND2 HD21 sing N N 40  
ASN ND2 HD22 sing N N 41  
ASN OXT HXT  sing N N 42  
ASP N   CA   sing N N 43  
ASP N   H    sing N N 44  
ASP N   H2   sing N N 45  
ASP CA  C    sing N N 46  
ASP CA  CB   sing N N 47  
ASP CA  HA   sing N N 48  
ASP C   O    doub N N 49  
ASP C   OXT  sing N N 50  
ASP CB  CG   sing N N 51  
ASP CB  HB2  sing N N 52  
ASP CB  HB3  sing N N 53  
ASP CG  OD1  doub N N 54  
ASP CG  OD2  sing N N 55  
ASP OD2 HD2  sing N N 56  
ASP OXT HXT  sing N N 57  
GLN N   CA   sing N N 58  
GLN N   H    sing N N 59  
GLN N   H2   sing N N 60  
GLN CA  C    sing N N 61  
GLN CA  CB   sing N N 62  
GLN CA  HA   sing N N 63  
GLN C   O    doub N N 64  
GLN C   OXT  sing N N 65  
GLN CB  CG   sing N N 66  
GLN CB  HB2  sing N N 67  
GLN CB  HB3  sing N N 68  
GLN CG  CD   sing N N 69  
GLN CG  HG2  sing N N 70  
GLN CG  HG3  sing N N 71  
GLN CD  OE1  doub N N 72  
GLN CD  NE2  sing N N 73  
GLN NE2 HE21 sing N N 74  
GLN NE2 HE22 sing N N 75  
GLN OXT HXT  sing N N 76  
GLU N   CA   sing N N 77  
GLU N   H    sing N N 78  
GLU N   H2   sing N N 79  
GLU CA  C    sing N N 80  
GLU CA  CB   sing N N 81  
GLU CA  HA   sing N N 82  
GLU C   O    doub N N 83  
GLU C   OXT  sing N N 84  
GLU CB  CG   sing N N 85  
GLU CB  HB2  sing N N 86  
GLU CB  HB3  sing N N 87  
GLU CG  CD   sing N N 88  
GLU CG  HG2  sing N N 89  
GLU CG  HG3  sing N N 90  
GLU CD  OE1  doub N N 91  
GLU CD  OE2  sing N N 92  
GLU OE2 HE2  sing N N 93  
GLU OXT HXT  sing N N 94  
HIS N   CA   sing N N 95  
HIS N   H    sing N N 96  
HIS N   H2   sing N N 97  
HIS CA  C    sing N N 98  
HIS CA  CB   sing N N 99  
HIS CA  HA   sing N N 100 
HIS C   O    doub N N 101 
HIS C   OXT  sing N N 102 
HIS CB  CG   sing N N 103 
HIS CB  HB2  sing N N 104 
HIS CB  HB3  sing N N 105 
HIS CG  ND1  sing Y N 106 
HIS CG  CD2  doub Y N 107 
HIS ND1 CE1  doub Y N 108 
HIS ND1 HD1  sing N N 109 
HIS CD2 NE2  sing Y N 110 
HIS CD2 HD2  sing N N 111 
HIS CE1 NE2  sing Y N 112 
HIS CE1 HE1  sing N N 113 
HIS NE2 HE2  sing N N 114 
HIS OXT HXT  sing N N 115 
HOH O   H1   sing N N 116 
HOH O   H2   sing N N 117 
ILE N   CA   sing N N 118 
ILE N   H    sing N N 119 
ILE N   H2   sing N N 120 
ILE CA  C    sing N N 121 
ILE CA  CB   sing N N 122 
ILE CA  HA   sing N N 123 
ILE C   O    doub N N 124 
ILE C   OXT  sing N N 125 
ILE CB  CG1  sing N N 126 
ILE CB  CG2  sing N N 127 
ILE CB  HB   sing N N 128 
ILE CG1 CD1  sing N N 129 
ILE CG1 HG12 sing N N 130 
ILE CG1 HG13 sing N N 131 
ILE CG2 HG21 sing N N 132 
ILE CG2 HG22 sing N N 133 
ILE CG2 HG23 sing N N 134 
ILE CD1 HD11 sing N N 135 
ILE CD1 HD12 sing N N 136 
ILE CD1 HD13 sing N N 137 
ILE OXT HXT  sing N N 138 
LEU N   CA   sing N N 139 
LEU N   H    sing N N 140 
LEU N   H2   sing N N 141 
LEU CA  C    sing N N 142 
LEU CA  CB   sing N N 143 
LEU CA  HA   sing N N 144 
LEU C   O    doub N N 145 
LEU C   OXT  sing N N 146 
LEU CB  CG   sing N N 147 
LEU CB  HB2  sing N N 148 
LEU CB  HB3  sing N N 149 
LEU CG  CD1  sing N N 150 
LEU CG  CD2  sing N N 151 
LEU CG  HG   sing N N 152 
LEU CD1 HD11 sing N N 153 
LEU CD1 HD12 sing N N 154 
LEU CD1 HD13 sing N N 155 
LEU CD2 HD21 sing N N 156 
LEU CD2 HD22 sing N N 157 
LEU CD2 HD23 sing N N 158 
LEU OXT HXT  sing N N 159 
LYS N   CA   sing N N 160 
LYS N   H    sing N N 161 
LYS N   H2   sing N N 162 
LYS CA  C    sing N N 163 
LYS CA  CB   sing N N 164 
LYS CA  HA   sing N N 165 
LYS C   O    doub N N 166 
LYS C   OXT  sing N N 167 
LYS CB  CG   sing N N 168 
LYS CB  HB2  sing N N 169 
LYS CB  HB3  sing N N 170 
LYS CG  CD   sing N N 171 
LYS CG  HG2  sing N N 172 
LYS CG  HG3  sing N N 173 
LYS CD  CE   sing N N 174 
LYS CD  HD2  sing N N 175 
LYS CD  HD3  sing N N 176 
LYS CE  NZ   sing N N 177 
LYS CE  HE2  sing N N 178 
LYS CE  HE3  sing N N 179 
LYS NZ  HZ1  sing N N 180 
LYS NZ  HZ2  sing N N 181 
LYS NZ  HZ3  sing N N 182 
LYS OXT HXT  sing N N 183 
PHE N   CA   sing N N 184 
PHE N   H    sing N N 185 
PHE N   H2   sing N N 186 
PHE CA  C    sing N N 187 
PHE CA  CB   sing N N 188 
PHE CA  HA   sing N N 189 
PHE C   O    doub N N 190 
PHE C   OXT  sing N N 191 
PHE CB  CG   sing N N 192 
PHE CB  HB2  sing N N 193 
PHE CB  HB3  sing N N 194 
PHE CG  CD1  doub Y N 195 
PHE CG  CD2  sing Y N 196 
PHE CD1 CE1  sing Y N 197 
PHE CD1 HD1  sing N N 198 
PHE CD2 CE2  doub Y N 199 
PHE CD2 HD2  sing N N 200 
PHE CE1 CZ   doub Y N 201 
PHE CE1 HE1  sing N N 202 
PHE CE2 CZ   sing Y N 203 
PHE CE2 HE2  sing N N 204 
PHE CZ  HZ   sing N N 205 
PHE OXT HXT  sing N N 206 
PRO N   CA   sing N N 207 
PRO N   CD   sing N N 208 
PRO N   H    sing N N 209 
PRO CA  C    sing N N 210 
PRO CA  CB   sing N N 211 
PRO CA  HA   sing N N 212 
PRO C   O    doub N N 213 
PRO C   OXT  sing N N 214 
PRO CB  CG   sing N N 215 
PRO CB  HB2  sing N N 216 
PRO CB  HB3  sing N N 217 
PRO CG  CD   sing N N 218 
PRO CG  HG2  sing N N 219 
PRO CG  HG3  sing N N 220 
PRO CD  HD2  sing N N 221 
PRO CD  HD3  sing N N 222 
PRO OXT HXT  sing N N 223 
SER N   CA   sing N N 224 
SER N   H    sing N N 225 
SER N   H2   sing N N 226 
SER CA  C    sing N N 227 
SER CA  CB   sing N N 228 
SER CA  HA   sing N N 229 
SER C   O    doub N N 230 
SER C   OXT  sing N N 231 
SER CB  OG   sing N N 232 
SER CB  HB2  sing N N 233 
SER CB  HB3  sing N N 234 
SER OG  HG   sing N N 235 
SER OXT HXT  sing N N 236 
TYR N   CA   sing N N 237 
TYR N   H    sing N N 238 
TYR N   H2   sing N N 239 
TYR CA  C    sing N N 240 
TYR CA  CB   sing N N 241 
TYR CA  HA   sing N N 242 
TYR C   O    doub N N 243 
TYR C   OXT  sing N N 244 
TYR CB  CG   sing N N 245 
TYR CB  HB2  sing N N 246 
TYR CB  HB3  sing N N 247 
TYR CG  CD1  doub Y N 248 
TYR CG  CD2  sing Y N 249 
TYR CD1 CE1  sing Y N 250 
TYR CD1 HD1  sing N N 251 
TYR CD2 CE2  doub Y N 252 
TYR CD2 HD2  sing N N 253 
TYR CE1 CZ   doub Y N 254 
TYR CE1 HE1  sing N N 255 
TYR CE2 CZ   sing Y N 256 
TYR CE2 HE2  sing N N 257 
TYR CZ  OH   sing N N 258 
TYR OH  HH   sing N N 259 
TYR OXT HXT  sing N N 260 
VAL N   CA   sing N N 261 
VAL N   H    sing N N 262 
VAL N   H2   sing N N 263 
VAL CA  C    sing N N 264 
VAL CA  CB   sing N N 265 
VAL CA  HA   sing N N 266 
VAL C   O    doub N N 267 
VAL C   OXT  sing N N 268 
VAL CB  CG1  sing N N 269 
VAL CB  CG2  sing N N 270 
VAL CB  HB   sing N N 271 
VAL CG1 HG11 sing N N 272 
VAL CG1 HG12 sing N N 273 
VAL CG1 HG13 sing N N 274 
VAL CG2 HG21 sing N N 275 
VAL CG2 HG22 sing N N 276 
VAL CG2 HG23 sing N N 277 
VAL OXT HXT  sing N N 278 
# 
_pdbx_audit_support.funding_organization   'Wellcome Trust' 
_pdbx_audit_support.country                'United Kingdom' 
_pdbx_audit_support.grant_number           ? 
_pdbx_audit_support.ordinal                1 
# 
_pdbx_initial_refinement_model.accession_code   ? 
_pdbx_initial_refinement_model.id               1 
_pdbx_initial_refinement_model.entity_id_list   ? 
_pdbx_initial_refinement_model.type             other 
_pdbx_initial_refinement_model.source_name      ? 
_pdbx_initial_refinement_model.details          helix 
# 
_atom_sites.entry_id                    6FM8 
_atom_sites.fract_transf_matrix[1][1]   0.02482821 
_atom_sites.fract_transf_matrix[1][2]   -0.00338076 
_atom_sites.fract_transf_matrix[1][3]   -0.00297232 
_atom_sites.fract_transf_matrix[2][1]   -0.00160256 
_atom_sites.fract_transf_matrix[2][2]   -0.02220751 
_atom_sites.fract_transf_matrix[2][3]   0.01187276 
_atom_sites.fract_transf_matrix[3][1]   -0.00236716 
_atom_sites.fract_transf_matrix[3][2]   -0.00646758 
_atom_sites.fract_transf_matrix[3][3]   -0.01241686 
_atom_sites.fract_transf_vector[1]      0.826864 
_atom_sites.fract_transf_vector[2]      0.664368 
_atom_sites.fract_transf_vector[3]      0.059158 
# 
loop_
_atom_type.symbol 
C 
N 
O 
# 
loop_
_atom_site.group_PDB 
_atom_site.id 
_atom_site.type_symbol 
_atom_site.label_atom_id 
_atom_site.label_alt_id 
_atom_site.label_comp_id 
_atom_site.label_asym_id 
_atom_site.label_entity_id 
_atom_site.label_seq_id 
_atom_site.pdbx_PDB_ins_code 
_atom_site.Cartn_x 
_atom_site.Cartn_y 
_atom_site.Cartn_z 
_atom_site.occupancy 
_atom_site.B_iso_or_equiv 
_atom_site.pdbx_formal_charge 
_atom_site.auth_seq_id 
_atom_site.auth_comp_id 
_atom_site.auth_asym_id 
_atom_site.auth_atom_id 
_atom_site.pdbx_PDB_model_num 
ATOM   1   N N   . SER A 1 1  ? 5.357   8.428   4.200   1.00 65.40  ? 576 SER A N   1 
ATOM   2   C CA  . SER A 1 1  ? 4.659   9.711   4.240   1.00 64.91  ? 576 SER A CA  1 
ATOM   3   C C   . SER A 1 1  ? 3.575   9.807   3.153   1.00 67.61  ? 576 SER A C   1 
ATOM   4   O O   . SER A 1 1  ? 3.845   10.333  2.075   1.00 67.25  ? 576 SER A O   1 
ATOM   5   C CB  . SER A 1 1  ? 5.657   10.858  4.112   1.00 68.19  ? 576 SER A CB  1 
ATOM   6   N N   . LEU A 1 2  ? 2.351   9.287   3.421   1.00 63.23  ? 577 LEU A N   1 
ATOM   7   C CA  . LEU A 1 2  ? 1.296   9.327   2.400   1.00 63.20  ? 577 LEU A CA  1 
ATOM   8   C C   . LEU A 1 2  ? -0.127  9.312   2.948   1.00 66.01  ? 577 LEU A C   1 
ATOM   9   O O   . LEU A 1 2  ? -0.416  8.697   3.974   1.00 65.89  ? 577 LEU A O   1 
ATOM   10  C CB  . LEU A 1 2  ? 1.451   8.178   1.415   1.00 63.59  ? 577 LEU A CB  1 
ATOM   11  N N   . TYR A 1 3  ? -1.014  9.950   2.153   1.00 61.02  ? 578 TYR A N   1 
ATOM   12  C CA  . TYR A 1 3  ? -2.432  10.346  2.242   1.00 59.69  ? 578 TYR A CA  1 
ATOM   13  C C   . TYR A 1 3  ? -2.425  11.858  1.965   1.00 59.23  ? 578 TYR A C   1 
ATOM   14  O O   . TYR A 1 3  ? -2.952  12.227  0.915   1.00 59.19  ? 578 TYR A O   1 
ATOM   15  C CB  . TYR A 1 3  ? -3.168  9.959   3.541   1.00 61.17  ? 578 TYR A CB  1 
ATOM   16  N N   . PRO A 1 4  ? -1.721  12.738  2.752   1.00 51.76  ? 579 PRO A N   1 
ATOM   17  C CA  . PRO A 1 4  ? -1.617  14.144  2.323   1.00 50.31  ? 579 PRO A CA  1 
ATOM   18  C C   . PRO A 1 4  ? -0.689  14.233  1.102   1.00 50.88  ? 579 PRO A C   1 
ATOM   19  O O   . PRO A 1 4  ? 0.430   13.710  1.144   1.00 47.85  ? 579 PRO A O   1 
ATOM   20  C CB  . PRO A 1 4  ? -1.060  14.865  3.560   1.00 52.14  ? 579 PRO A CB  1 
ATOM   21  C CG  . PRO A 1 4  ? -0.359  13.839  4.337   1.00 56.74  ? 579 PRO A CG  1 
ATOM   22  C CD  . PRO A 1 4  ? -0.974  12.507  4.011   1.00 52.74  ? 579 PRO A CD  1 
ATOM   23  N N   . LYS A 1 5  ? -1.190  14.833  -0.005  1.00 47.39  ? 580 LYS A N   1 
ATOM   24  C CA  . LYS A 1 5  ? -0.504  14.962  -1.303  1.00 47.11  ? 580 LYS A CA  1 
ATOM   25  C C   . LYS A 1 5  ? 0.917   15.549  -1.213  1.00 49.95  ? 580 LYS A C   1 
ATOM   26  O O   . LYS A 1 5  ? 1.810   15.065  -1.918  1.00 49.24  ? 580 LYS A O   1 
ATOM   27  C CB  . LYS A 1 5  ? -1.338  15.821  -2.266  1.00 50.15  ? 580 LYS A CB  1 
ATOM   28  N N   . LEU A 1 6  ? 1.125   16.573  -0.347  1.00 44.76  ? 581 LEU A N   1 
ATOM   29  C CA  . LEU A 1 6  ? 2.411   17.259  -0.157  1.00 43.70  ? 581 LEU A CA  1 
ATOM   30  C C   . LEU A 1 6  ? 3.525   16.351  0.395   1.00 45.93  ? 581 LEU A C   1 
ATOM   31  O O   . LEU A 1 6  ? 4.707   16.690  0.256   1.00 45.15  ? 581 LEU A O   1 
ATOM   32  C CB  . LEU A 1 6  ? 2.249   18.470  0.792   1.00 43.82  ? 581 LEU A CB  1 
ATOM   33  C CG  . LEU A 1 6  ? 1.414   19.642  0.277   1.00 48.33  ? 581 LEU A CG  1 
ATOM   34  C CD1 . LEU A 1 6  ? 1.111   20.615  1.384   1.00 47.86  ? 581 LEU A CD1 1 
ATOM   35  C CD2 . LEU A 1 6  ? 2.107   20.353  -0.884  1.00 51.86  ? 581 LEU A CD2 1 
ATOM   36  N N   . PHE A 1 7  ? 3.152   15.222  1.035   1.00 40.50  ? 582 PHE A N   1 
ATOM   37  C CA  . PHE A 1 7  ? 4.114   14.312  1.651   1.00 39.00  ? 582 PHE A CA  1 
ATOM   38  C C   . PHE A 1 7  ? 4.466   13.132  0.750   1.00 45.04  ? 582 PHE A C   1 
ATOM   39  O O   . PHE A 1 7  ? 5.379   12.378  1.088   1.00 44.38  ? 582 PHE A O   1 
ATOM   40  C CB  . PHE A 1 7  ? 3.570   13.820  3.002   1.00 39.55  ? 582 PHE A CB  1 
ATOM   41  C CG  . PHE A 1 7  ? 3.665   14.887  4.065   1.00 39.32  ? 582 PHE A CG  1 
ATOM   42  C CD1 . PHE A 1 7  ? 2.716   15.899  4.146   1.00 41.14  ? 582 PHE A CD1 1 
ATOM   43  C CD2 . PHE A 1 7  ? 4.710   14.886  4.983   1.00 39.62  ? 582 PHE A CD2 1 
ATOM   44  C CE1 . PHE A 1 7  ? 2.831   16.911  5.102   1.00 41.34  ? 582 PHE A CE1 1 
ATOM   45  C CE2 . PHE A 1 7  ? 4.801   15.871  5.956   1.00 41.36  ? 582 PHE A CE2 1 
ATOM   46  C CZ  . PHE A 1 7  ? 3.872   16.885  6.000   1.00 39.87  ? 582 PHE A CZ  1 
ATOM   47  N N   . GLN A 1 8  ? 3.793   12.997  -0.413  1.00 43.25  ? 583 GLN A N   1 
ATOM   48  C CA  . GLN A 1 8  ? 4.039   11.908  -1.372  1.00 44.06  ? 583 GLN A CA  1 
ATOM   49  C C   . GLN A 1 8  ? 5.498   11.909  -1.856  1.00 48.27  ? 583 GLN A C   1 
ATOM   50  O O   . GLN A 1 8  ? 6.073   10.835  -2.046  1.00 49.20  ? 583 GLN A O   1 
ATOM   51  C CB  . GLN A 1 8  ? 3.065   11.984  -2.556  1.00 45.77  ? 583 GLN A CB  1 
ATOM   52  C CG  . GLN A 1 8  ? 1.661   11.473  -2.199  1.00 63.03  ? 583 GLN A CG  1 
ATOM   53  C CD  . GLN A 1 8  ? 0.630   11.627  -3.295  1.00 87.77  ? 583 GLN A CD  1 
ATOM   54  O OE1 . GLN A 1 8  ? 0.840   12.293  -4.321  1.00 83.29  ? 583 GLN A OE1 1 
ATOM   55  N NE2 . GLN A 1 8  ? -0.537  11.033  -3.080  1.00 82.42  ? 583 GLN A NE2 1 
ATOM   56  N N   . LYS A 1 9  ? 6.115   13.103  -1.963  1.00 43.47  ? 584 LYS A N   1 
ATOM   57  C CA  . LYS A 1 9  ? 7.522   13.285  -2.344  1.00 42.78  ? 584 LYS A CA  1 
ATOM   58  C C   . LYS A 1 9  ? 8.474   12.724  -1.265  1.00 44.95  ? 584 LYS A C   1 
ATOM   59  O O   . LYS A 1 9  ? 9.638   12.453  -1.567  1.00 45.95  ? 584 LYS A O   1 
ATOM   60  C CB  . LYS A 1 9  ? 7.843   14.776  -2.615  1.00 44.94  ? 584 LYS A CB  1 
ATOM   61  C CG  . LYS A 1 9  ? 7.631   15.721  -1.421  1.00 55.86  ? 584 LYS A CG  1 
ATOM   62  C CD  . LYS A 1 9  ? 8.574   16.925  -1.473  1.00 63.50  ? 584 LYS A CD  1 
ATOM   63  C CE  . LYS A 1 9  ? 8.447   17.841  -0.272  1.00 66.81  ? 584 LYS A CE  1 
ATOM   64  N NZ  . LYS A 1 9  ? 7.212   18.676  -0.321  1.00 67.71  ? 584 LYS A NZ  1 
ATOM   65  N N   . ASN A 1 10 ? 7.980   12.561  -0.018  1.00 38.92  ? 585 ASN A N   1 
ATOM   66  C CA  . ASN A 1 10 ? 8.783   12.066  1.107   1.00 37.33  ? 585 ASN A CA  1 
ATOM   67  C C   . ASN A 1 10 ? 8.675   10.543  1.297   1.00 37.38  ? 585 ASN A C   1 
ATOM   68  O O   . ASN A 1 10 ? 9.365   9.995   2.165   1.00 36.64  ? 585 ASN A O   1 
ATOM   69  C CB  . ASN A 1 10 ? 8.399   12.797  2.399   1.00 38.31  ? 585 ASN A CB  1 
ATOM   70  C CG  . ASN A 1 10 ? 8.552   14.301  2.311   1.00 62.46  ? 585 ASN A CG  1 
ATOM   71  O OD1 . ASN A 1 10 ? 9.271   14.836  1.457   1.00 57.07  ? 585 ASN A OD1 1 
ATOM   72  N ND2 . ASN A 1 10 ? 7.844   15.018  3.165   1.00 49.64  ? 585 ASN A ND2 1 
ATOM   73  N N   . LEU A 1 11 ? 7.854   9.860   0.472   1.00 31.87  ? 586 LEU A N   1 
ATOM   74  C CA  . LEU A 1 11 ? 7.714   8.403   0.532   1.00 31.85  ? 586 LEU A CA  1 
ATOM   75  C C   . LEU A 1 11 ? 9.041   7.734   0.211   1.00 35.00  ? 586 LEU A C   1 
ATOM   76  O O   . LEU A 1 11 ? 9.692   8.112   -0.766  1.00 36.06  ? 586 LEU A O   1 
ATOM   77  C CB  . LEU A 1 11 ? 6.634   7.899   -0.443  1.00 32.41  ? 586 LEU A CB  1 
ATOM   78  C CG  . LEU A 1 11 ? 5.174   8.048   -0.012  1.00 38.49  ? 586 LEU A CG  1 
ATOM   79  C CD1 . LEU A 1 11 ? 4.239   7.816   -1.186  1.00 39.17  ? 586 LEU A CD1 1 
ATOM   80  C CD2 . LEU A 1 11 ? 4.830   7.075   1.119   1.00 42.51  ? 586 LEU A CD2 1 
ATOM   81  N N   . ASP A 1 12 ? 9.468   6.797   1.063   1.00 29.62  ? 587 ASP A N   1 
ATOM   82  C CA  . ASP A 1 12 ? 10.698  6.027   0.878   1.00 28.07  ? 587 ASP A CA  1 
ATOM   83  C C   . ASP A 1 12 ? 10.305  4.766   0.107   1.00 30.37  ? 587 ASP A C   1 
ATOM   84  O O   . ASP A 1 12 ? 9.493   3.988   0.617   1.00 29.18  ? 587 ASP A O   1 
ATOM   85  C CB  . ASP A 1 12 ? 11.367  5.699   2.236   1.00 29.21  ? 587 ASP A CB  1 
ATOM   86  C CG  . ASP A 1 12 ? 12.720  4.999   2.160   1.00 36.33  ? 587 ASP A CG  1 
ATOM   87  O OD1 . ASP A 1 12 ? 12.991  4.321   1.142   1.00 35.60  ? 587 ASP A OD1 1 
ATOM   88  O OD2 . ASP A 1 12 ? 13.492  5.094   3.134   1.00 42.89  ? 587 ASP A OD2 1 
ATOM   89  N N   . PRO A 1 13 ? 10.812  4.573   -1.135  1.00 27.43  ? 588 PRO A N   1 
ATOM   90  C CA  . PRO A 1 13 ? 10.415  3.392   -1.910  1.00 27.08  ? 588 PRO A CA  1 
ATOM   91  C C   . PRO A 1 13 ? 10.774  2.086   -1.218  1.00 30.16  ? 588 PRO A C   1 
ATOM   92  O O   . PRO A 1 13 ? 10.009  1.152   -1.337  1.00 28.93  ? 588 PRO A O   1 
ATOM   93  C CB  . PRO A 1 13 ? 11.168  3.554   -3.235  1.00 29.43  ? 588 PRO A CB  1 
ATOM   94  C CG  . PRO A 1 13 ? 11.542  5.000   -3.308  1.00 33.97  ? 588 PRO A CG  1 
ATOM   95  C CD  . PRO A 1 13 ? 11.774  5.410   -1.884  1.00 29.74  ? 588 PRO A CD  1 
ATOM   96  N N   . ASP A 1 14 ? 11.888  2.017   -0.470  1.00 30.21  ? 589 ASP A N   1 
ATOM   97  C CA  . ASP A 1 14 ? 12.241  0.793   0.254   1.00 31.30  ? 589 ASP A CA  1 
ATOM   98  C C   . ASP A 1 14 ? 11.168  0.424   1.278   1.00 33.97  ? 589 ASP A C   1 
ATOM   99  O O   . ASP A 1 14 ? 10.777  -0.733  1.329   1.00 33.84  ? 589 ASP A O   1 
ATOM   100 C CB  . ASP A 1 14 ? 13.604  0.902   0.947   1.00 34.54  ? 589 ASP A CB  1 
ATOM   101 C CG  . ASP A 1 14 ? 14.763  0.640   0.020   1.00 45.92  ? 589 ASP A CG  1 
ATOM   102 O OD1 . ASP A 1 14 ? 14.702  -0.352  -0.751  1.00 47.61  ? 589 ASP A OD1 1 
ATOM   103 O OD2 . ASP A 1 14 ? 15.750  1.382   0.099   1.00 50.73  ? 589 ASP A OD2 1 
ATOM   104 N N   . VAL A 1 15 ? 10.675  1.408   2.053   1.00 28.34  ? 590 VAL A N   1 
ATOM   105 C CA  . VAL A 1 15 ? 9.605   1.245   3.055   1.00 26.81  ? 590 VAL A CA  1 
ATOM   106 C C   . VAL A 1 15 ? 8.277   0.840   2.353   1.00 24.81  ? 590 VAL A C   1 
ATOM   107 O O   . VAL A 1 15 ? 7.655   -0.139  2.754   1.00 22.19  ? 590 VAL A O   1 
ATOM   108 C CB  . VAL A 1 15 ? 9.426   2.524   3.918   1.00 30.48  ? 590 VAL A CB  1 
ATOM   109 C CG1 . VAL A 1 15 ? 8.228   2.399   4.852   1.00 30.28  ? 590 VAL A CG1 1 
ATOM   110 C CG2 . VAL A 1 15 ? 10.692  2.817   4.721   1.00 30.65  ? 590 VAL A CG2 1 
ATOM   111 N N   . PHE A 1 16 ? 7.859   1.602   1.329   1.00 20.74  ? 591 PHE A N   1 
ATOM   112 C CA  . PHE A 1 16 ? 6.641   1.322   0.556   1.00 19.66  ? 591 PHE A CA  1 
ATOM   113 C C   . PHE A 1 16 ? 6.681   -0.099  -0.034  1.00 21.10  ? 591 PHE A C   1 
ATOM   114 O O   . PHE A 1 16 ? 5.721   -0.871  0.141   1.00 19.01  ? 591 PHE A O   1 
ATOM   115 C CB  . PHE A 1 16 ? 6.477   2.367   -0.573  1.00 21.78  ? 591 PHE A CB  1 
ATOM   116 C CG  . PHE A 1 16 ? 5.250   2.165   -1.432  1.00 23.45  ? 591 PHE A CG  1 
ATOM   117 C CD1 . PHE A 1 16 ? 5.294   1.351   -2.560  1.00 27.72  ? 591 PHE A CD1 1 
ATOM   118 C CD2 . PHE A 1 16 ? 4.042   2.766   -1.096  1.00 24.43  ? 591 PHE A CD2 1 
ATOM   119 C CE1 . PHE A 1 16 ? 4.146   1.132   -3.328  1.00 28.57  ? 591 PHE A CE1 1 
ATOM   120 C CE2 . PHE A 1 16 ? 2.900   2.565   -1.877  1.00 27.08  ? 591 PHE A CE2 1 
ATOM   121 C CZ  . PHE A 1 16 ? 2.955   1.746   -2.980  1.00 25.86  ? 591 PHE A CZ  1 
ATOM   122 N N   . ASN A 1 17 ? 7.785   -0.443  -0.750  1.00 18.52  ? 592 ASN A N   1 
ATOM   123 C CA  . ASN A 1 17 ? 7.903   -1.768  -1.374  1.00 18.54  ? 592 ASN A CA  1 
ATOM   124 C C   . ASN A 1 17 ? 7.837   -2.882  -0.327  1.00 21.01  ? 592 ASN A C   1 
ATOM   125 O O   . ASN A 1 17 ? 7.169   -3.895  -0.543  1.00 20.01  ? 592 ASN A O   1 
ATOM   126 C CB  . ASN A 1 17 ? 9.197   -1.884  -2.200  1.00 20.99  ? 592 ASN A CB  1 
ATOM   127 C CG  . ASN A 1 17 ? 9.220   -1.015  -3.440  1.00 26.79  ? 592 ASN A CG  1 
ATOM   128 O OD1 . ASN A 1 17 ? 8.206   -0.448  -3.862  1.00 23.92  ? 592 ASN A OD1 1 
ATOM   129 N ND2 . ASN A 1 17 ? 10.404  -0.819  -3.998  1.00 24.96  ? 592 ASN A ND2 1 
ATOM   130 N N   . GLN A 1 18 ? 8.528   -2.696  0.802   1.00 19.32  ? 593 GLN A N   1 
ATOM   131 C CA  . GLN A 1 18 ? 8.529   -3.710  1.854   1.00 18.21  ? 593 GLN A CA  1 
ATOM   132 C C   . GLN A 1 18 ? 7.147   -3.942  2.436   1.00 20.14  ? 593 GLN A C   1 
ATOM   133 O O   . GLN A 1 18 ? 6.745   -5.092  2.612   1.00 20.02  ? 593 GLN A O   1 
ATOM   134 C CB  . GLN A 1 18 ? 9.501   -3.323  2.960   1.00 19.72  ? 593 GLN A CB  1 
ATOM   135 C CG  . GLN A 1 18 ? 10.931  -3.599  2.565   1.00 28.84  ? 593 GLN A CG  1 
ATOM   136 C CD  . GLN A 1 18 ? 11.861  -3.151  3.642   1.00 42.03  ? 593 GLN A CD  1 
ATOM   137 O OE1 . GLN A 1 18 ? 11.747  -3.583  4.787   1.00 33.40  ? 593 GLN A OE1 1 
ATOM   138 N NE2 . GLN A 1 18 ? 12.805  -2.288  3.299   1.00 41.39  ? 593 GLN A NE2 1 
ATOM   139 N N   . ILE A 1 19 ? 6.435   -2.867  2.760   1.00 17.05  ? 594 ILE A N   1 
ATOM   140 C CA  . ILE A 1 19 ? 5.100   -3.020  3.353   1.00 17.17  ? 594 ILE A CA  1 
ATOM   141 C C   . ILE A 1 19 ? 4.104   -3.607  2.318   1.00 19.18  ? 594 ILE A C   1 
ATOM   142 O O   . ILE A 1 19 ? 3.263   -4.398  2.710   1.00 18.27  ? 594 ILE A O   1 
ATOM   143 C CB  . ILE A 1 19 ? 4.539   -1.752  4.044   1.00 19.83  ? 594 ILE A CB  1 
ATOM   144 C CG1 . ILE A 1 19 ? 3.364   -2.127  4.987   1.00 20.65  ? 594 ILE A CG1 1 
ATOM   145 C CG2 . ILE A 1 19 ? 4.105   -0.678  3.042   1.00 19.22  ? 594 ILE A CG2 1 
ATOM   146 C CD1 . ILE A 1 19 ? 3.716   -3.110  6.086   1.00 25.99  ? 594 ILE A CD1 1 
ATOM   147 N N   . VAL A 1 20 ? 4.252   -3.292  1.015   1.00 18.09  ? 595 VAL A N   1 
ATOM   148 C CA  . VAL A 1 20 ? 3.357   -3.868  -0.004  1.00 18.03  ? 595 VAL A CA  1 
ATOM   149 C C   . VAL A 1 20 ? 3.568   -5.393  -0.037  1.00 21.00  ? 595 VAL A C   1 
ATOM   150 O O   . VAL A 1 20 ? 2.596   -6.149  0.000   1.00 20.55  ? 595 VAL A O   1 
ATOM   151 C CB  . VAL A 1 20 ? 3.545   -3.188  -1.389  1.00 21.74  ? 595 VAL A CB  1 
ATOM   152 C CG1 . VAL A 1 20 ? 2.921   -4.021  -2.517  1.00 21.40  ? 595 VAL A CG1 1 
ATOM   153 C CG2 . VAL A 1 20 ? 2.958   -1.786  -1.373  1.00 21.98  ? 595 VAL A CG2 1 
ATOM   154 N N   . LYS A 1 21 ? 4.836   -5.836  -0.021  1.00 20.91  ? 596 LYS A N   1 
ATOM   155 C CA  . LYS A 1 21 ? 5.217   -7.250  0.005   1.00 20.52  ? 596 LYS A CA  1 
ATOM   156 C C   . LYS A 1 21 ? 4.636   -7.950  1.236   1.00 22.08  ? 596 LYS A C   1 
ATOM   157 O O   . LYS A 1 21 ? 4.008   -8.988  1.074   1.00 21.49  ? 596 LYS A O   1 
ATOM   158 C CB  . LYS A 1 21 ? 6.761   -7.406  -0.045  1.00 24.35  ? 596 LYS A CB  1 
ATOM   159 C CG  . LYS A 1 21 ? 7.243   -8.849  -0.051  1.00 35.36  ? 596 LYS A CG  1 
ATOM   160 N N   . ILE A 1 22 ? 4.820   -7.374  2.446   1.00 19.75  ? 597 ILE A N   1 
ATOM   161 C CA  . ILE A 1 22 ? 4.308   -7.914  3.713   1.00 19.48  ? 597 ILE A CA  1 
ATOM   162 C C   . ILE A 1 22 ? 2.770   -8.058  3.656   1.00 21.26  ? 597 ILE A C   1 
ATOM   163 O O   . ILE A 1 22 ? 2.231   -9.114  3.980   1.00 19.75  ? 597 ILE A O   1 
ATOM   164 C CB  . ILE A 1 22 ? 4.754   -6.997  4.879   1.00 22.52  ? 597 ILE A CB  1 
ATOM   165 C CG1 . ILE A 1 22 ? 6.232   -7.266  5.230   1.00 22.15  ? 597 ILE A CG1 1 
ATOM   166 C CG2 . ILE A 1 22 ? 3.857   -7.205  6.103   1.00 24.00  ? 597 ILE A CG2 1 
ATOM   167 C CD1 . ILE A 1 22 ? 6.937   -6.089  5.946   1.00 26.97  ? 597 ILE A CD1 1 
ATOM   168 N N   . LEU A 1 23 ? 2.091   -6.998  3.207   1.00 19.62  ? 598 LEU A N   1 
ATOM   169 C CA  . LEU A 1 23 ? 0.636   -6.973  3.114   1.00 18.40  ? 598 LEU A CA  1 
ATOM   170 C C   . LEU A 1 23 ? 0.121   -7.967  2.060   1.00 22.62  ? 598 LEU A C   1 
ATOM   171 O O   . LEU A 1 23 ? -0.889  -8.619  2.283   1.00 20.64  ? 598 LEU A O   1 
ATOM   172 C CB  . LEU A 1 23 ? 0.169   -5.553  2.764   1.00 17.68  ? 598 LEU A CB  1 
ATOM   173 C CG  . LEU A 1 23 ? 0.134   -4.558  3.949   1.00 21.81  ? 598 LEU A CG  1 
ATOM   174 C CD1 . LEU A 1 23 ? -0.001  -3.163  3.450   1.00 22.97  ? 598 LEU A CD1 1 
ATOM   175 C CD2 . LEU A 1 23 ? -0.994  -4.860  4.902   1.00 23.87  ? 598 LEU A CD2 1 
ATOM   176 N N   . HIS A 1 24 ? 0.811   -8.070  0.926   1.00 21.04  ? 599 HIS A N   1 
ATOM   177 C CA  . HIS A 1 24 ? 0.387   -8.991  -0.128  1.00 22.85  ? 599 HIS A CA  1 
ATOM   178 C C   . HIS A 1 24 ? 0.581   -10.445 0.335   1.00 24.70  ? 599 HIS A C   1 
ATOM   179 O O   . HIS A 1 24 ? -0.303  -11.269 0.121   1.00 24.06  ? 599 HIS A O   1 
ATOM   180 C CB  . HIS A 1 24 ? 1.114   -8.697  -1.449  1.00 25.09  ? 599 HIS A CB  1 
ATOM   181 C CG  . HIS A 1 24 ? 0.722   -9.638  -2.541  1.00 30.08  ? 599 HIS A CG  1 
ATOM   182 N ND1 . HIS A 1 24 ? -0.553  -9.628  -3.078  1.00 32.90  ? 599 HIS A ND1 1 
ATOM   183 C CD2 . HIS A 1 24 ? 1.436   -10.624 -3.124  1.00 32.97  ? 599 HIS A CD2 1 
ATOM   184 C CE1 . HIS A 1 24 ? -0.569  -10.600 -3.977  1.00 32.48  ? 599 HIS A CE1 1 
ATOM   185 N NE2 . HIS A 1 24 ? 0.607   -11.211 -4.055  1.00 32.98  ? 599 HIS A NE2 1 
ATOM   186 N N   . ASP A 1 25 ? 1.697   -10.744 1.022   1.00 21.61  ? 600 ASP A N   1 
ATOM   187 C CA  . ASP A 1 25 ? 1.956   -12.071 1.592   1.00 20.84  ? 600 ASP A CA  1 
ATOM   188 C C   . ASP A 1 25 ? 0.877   -12.438 2.602   1.00 23.93  ? 600 ASP A C   1 
ATOM   189 O O   . ASP A 1 25 ? 0.356   -13.559 2.564   1.00 24.02  ? 600 ASP A O   1 
ATOM   190 C CB  . ASP A 1 25 ? 3.331   -12.113 2.277   1.00 22.89  ? 600 ASP A CB  1 
ATOM   191 C CG  . ASP A 1 25 ? 4.499   -12.289 1.341   1.00 29.08  ? 600 ASP A CG  1 
ATOM   192 O OD1 . ASP A 1 25 ? 4.272   -12.382 0.114   1.00 28.66  ? 600 ASP A OD1 1 
ATOM   193 O OD2 . ASP A 1 25 ? 5.648   -12.273 1.828   1.00 36.12  ? 600 ASP A OD2 1 
ATOM   194 N N   . PHE A 1 26 ? 0.520   -11.477 3.486   1.00 18.38  ? 601 PHE A N   1 
ATOM   195 C CA  . PHE A 1 26 ? -0.521  -11.661 4.507   1.00 17.32  ? 601 PHE A CA  1 
ATOM   196 C C   . PHE A 1 26 ? -1.893  -11.859 3.817   1.00 21.80  ? 601 PHE A C   1 
ATOM   197 O O   . PHE A 1 26 ? -2.677  -12.723 4.240   1.00 23.27  ? 601 PHE A O   1 
ATOM   198 C CB  . PHE A 1 26 ? -0.546  -10.442 5.452   1.00 18.72  ? 601 PHE A CB  1 
ATOM   199 C CG  . PHE A 1 26 ? -1.496  -10.557 6.621   1.00 20.52  ? 601 PHE A CG  1 
ATOM   200 C CD1 . PHE A 1 26 ? -1.081  -11.130 7.821   1.00 24.15  ? 601 PHE A CD1 1 
ATOM   201 C CD2 . PHE A 1 26 ? -2.782  -10.046 6.543   1.00 22.88  ? 601 PHE A CD2 1 
ATOM   202 C CE1 . PHE A 1 26 ? -1.945  -11.201 8.913   1.00 25.33  ? 601 PHE A CE1 1 
ATOM   203 C CE2 . PHE A 1 26 ? -3.657  -10.139 7.634   1.00 25.34  ? 601 PHE A CE2 1 
ATOM   204 C CZ  . PHE A 1 26 ? -3.231  -10.709 8.813   1.00 24.32  ? 601 PHE A CZ  1 
ATOM   205 N N   . TYR A 1 27 ? -2.145  -11.102 2.728   1.00 18.01  ? 602 TYR A N   1 
ATOM   206 C CA  . TYR A 1 27 ? -3.379  -11.185 1.926   1.00 17.29  ? 602 TYR A CA  1 
ATOM   207 C C   . TYR A 1 27 ? -3.584  -12.613 1.425   1.00 23.33  ? 602 TYR A C   1 
ATOM   208 O O   . TYR A 1 27 ? -4.629  -13.196 1.690   1.00 24.08  ? 602 TYR A O   1 
ATOM   209 C CB  . TYR A 1 27 ? -3.334  -10.202 0.755   1.00 18.81  ? 602 TYR A CB  1 
ATOM   210 C CG  . TYR A 1 27 ? -4.576  -10.149 -0.111  1.00 19.71  ? 602 TYR A CG  1 
ATOM   211 C CD1 . TYR A 1 27 ? -5.785  -9.674  0.395   1.00 21.53  ? 602 TYR A CD1 1 
ATOM   212 C CD2 . TYR A 1 27 ? -4.525  -10.503 -1.455  1.00 20.69  ? 602 TYR A CD2 1 
ATOM   213 C CE1 . TYR A 1 27 ? -6.924  -9.592  -0.408  1.00 20.30  ? 602 TYR A CE1 1 
ATOM   214 C CE2 . TYR A 1 27 ? -5.655  -10.410 -2.275  1.00 21.70  ? 602 TYR A CE2 1 
ATOM   215 C CZ  . TYR A 1 27 ? -6.849  -9.946  -1.749  1.00 25.96  ? 602 TYR A CZ  1 
ATOM   216 O OH  . TYR A 1 27 ? -7.970  -9.882  -2.549  1.00 21.75  ? 602 TYR A OH  1 
ATOM   217 N N   . ILE A 1 28 ? -2.550  -13.205 0.806   1.00 20.95  ? 603 ILE A N   1 
ATOM   218 C CA  . ILE A 1 28 ? -2.597  -14.584 0.307   1.00 22.97  ? 603 ILE A CA  1 
ATOM   219 C C   . ILE A 1 28 ? -2.757  -15.569 1.484   1.00 28.74  ? 603 ILE A C   1 
ATOM   220 O O   . ILE A 1 28 ? -3.622  -16.448 1.433   1.00 28.59  ? 603 ILE A O   1 
ATOM   221 C CB  . ILE A 1 28 ? -1.315  -14.877 -0.540  1.00 26.21  ? 603 ILE A CB  1 
ATOM   222 C CG1 . ILE A 1 28 ? -1.180  -13.904 -1.768  1.00 27.10  ? 603 ILE A CG1 1 
ATOM   223 C CG2 . ILE A 1 28 ? -1.206  -16.371 -0.958  1.00 27.75  ? 603 ILE A CG2 1 
ATOM   224 C CD1 . ILE A 1 28 ? -2.351  -13.817 -2.749  1.00 36.15  ? 603 ILE A CD1 1 
ATOM   225 N N   . GLU A 1 29 ? -1.930  -15.415 2.539   1.00 27.55  ? 604 GLU A N   1 
ATOM   226 C CA  . GLU A 1 29 ? -1.905  -16.300 3.709   1.00 27.65  ? 604 GLU A CA  1 
ATOM   227 C C   . GLU A 1 29 ? -3.256  -16.376 4.441   1.00 31.09  ? 604 GLU A C   1 
ATOM   228 O O   . GLU A 1 29 ? -3.636  -17.447 4.923   1.00 30.06  ? 604 GLU A O   1 
ATOM   229 C CB  . GLU A 1 29 ? -0.818  -15.843 4.692   1.00 29.51  ? 604 GLU A CB  1 
ATOM   230 C CG  . GLU A 1 29 ? -0.410  -16.899 5.706   1.00 42.38  ? 604 GLU A CG  1 
ATOM   231 N N   . LYS A 1 30 ? -3.984  -15.259 4.508   1.00 26.46  ? 605 LYS A N   1 
ATOM   232 C CA  . LYS A 1 30 ? -5.234  -15.207 5.261   1.00 24.79  ? 605 LYS A CA  1 
ATOM   233 C C   . LYS A 1 30 ? -6.475  -15.381 4.365   1.00 27.15  ? 605 LYS A C   1 
ATOM   234 O O   . LYS A 1 30 ? -7.578  -15.008 4.762   1.00 28.35  ? 605 LYS A O   1 
ATOM   235 C CB  . LYS A 1 30 ? -5.289  -13.900 6.070   1.00 25.81  ? 605 LYS A CB  1 
ATOM   236 C CG  . LYS A 1 30 ? -4.099  -13.749 7.019   1.00 33.19  ? 605 LYS A CG  1 
ATOM   237 C CD  . LYS A 1 30 ? -4.070  -14.816 8.116   1.00 37.78  ? 605 LYS A CD  1 
ATOM   238 C CE  . LYS A 1 30 ? -2.798  -14.746 8.908   1.00 40.06  ? 605 LYS A CE  1 
ATOM   239 N NZ  . LYS A 1 30 ? -2.803  -15.723 10.025  1.00 42.71  ? 605 LYS A NZ  1 
ATOM   240 N N   . GLU A 1 31 ? -6.281  -15.976 3.176   1.00 24.46  ? 606 GLU A N   1 
ATOM   241 C CA  . GLU A 1 31 ? -7.322  -16.298 2.192   1.00 25.56  ? 606 GLU A CA  1 
ATOM   242 C C   . GLU A 1 31 ? -8.088  -15.058 1.731   1.00 28.33  ? 606 GLU A C   1 
ATOM   243 O O   . GLU A 1 31 ? -9.311  -15.080 1.578   1.00 28.39  ? 606 GLU A O   1 
ATOM   244 C CB  . GLU A 1 31 ? -8.288  -17.384 2.718   1.00 27.80  ? 606 GLU A CB  1 
ATOM   245 C CG  . GLU A 1 31 ? -7.569  -18.646 3.169   1.00 39.74  ? 606 GLU A CG  1 
ATOM   246 C CD  . GLU A 1 31 ? -8.445  -19.860 3.391   1.00 59.00  ? 606 GLU A CD  1 
ATOM   247 O OE1 . GLU A 1 31 ? -9.579  -19.702 3.897   1.00 54.67  ? 606 GLU A OE1 1 
ATOM   248 O OE2 . GLU A 1 31 ? -7.979  -20.979 3.082   1.00 60.59  ? 606 GLU A OE2 1 
ATOM   249 N N   . LYS A 1 32 ? -7.320  -13.984 1.481   1.00 22.71  ? 607 LYS A N   1 
ATOM   250 C CA  . LYS A 1 32 ? -7.688  -12.736 0.832   1.00 21.91  ? 607 LYS A CA  1 
ATOM   251 C C   . LYS A 1 32 ? -8.829  -11.982 1.533   1.00 25.11  ? 607 LYS A C   1 
ATOM   252 O O   . LYS A 1 32 ? -9.887  -11.788 0.938   1.00 25.26  ? 607 LYS A O   1 
ATOM   253 C CB  . LYS A 1 32 ? -8.020  -13.006 -0.652  1.00 23.02  ? 607 LYS A CB  1 
ATOM   254 C CG  . LYS A 1 32 ? -6.837  -13.617 -1.389  1.00 24.56  ? 607 LYS A CG  1 
ATOM   255 C CD  . LYS A 1 32 ? -7.111  -13.945 -2.851  1.00 33.83  ? 607 LYS A CD  1 
ATOM   256 C CE  . LYS A 1 32 ? -5.898  -14.664 -3.400  1.00 38.17  ? 607 LYS A CE  1 
ATOM   257 N NZ  . LYS A 1 32 ? -6.033  -15.039 -4.825  1.00 40.22  ? 607 LYS A NZ  1 
ATOM   258 N N   . PRO A 1 33 ? -8.583  -11.476 2.764   1.00 22.30  ? 608 PRO A N   1 
ATOM   259 C CA  . PRO A 1 33 ? -9.627  -10.701 3.455   1.00 21.78  ? 608 PRO A CA  1 
ATOM   260 C C   . PRO A 1 33 ? -9.832  -9.360  2.789   1.00 23.14  ? 608 PRO A C   1 
ATOM   261 O O   . PRO A 1 33 ? -8.859  -8.755  2.343   1.00 21.56  ? 608 PRO A O   1 
ATOM   262 C CB  . PRO A 1 33 ? -9.091  -10.526 4.888   1.00 23.35  ? 608 PRO A CB  1 
ATOM   263 C CG  . PRO A 1 33 ? -7.797  -11.225 4.944   1.00 27.59  ? 608 PRO A CG  1 
ATOM   264 C CD  . PRO A 1 33 ? -7.351  -11.580 3.573   1.00 23.40  ? 608 PRO A CD  1 
ATOM   265 N N   . LEU A 1 34 ? -11.097 -8.885  2.720   1.00 20.29  ? 609 LEU A N   1 
ATOM   266 C CA  . LEU A 1 34 ? -11.415 -7.575  2.121   1.00 19.15  ? 609 LEU A CA  1 
ATOM   267 C C   . LEU A 1 34 ? -10.652 -6.441  2.803   1.00 20.13  ? 609 LEU A C   1 
ATOM   268 O O   . LEU A 1 34 ? -10.250 -5.498  2.124   1.00 19.16  ? 609 LEU A O   1 
ATOM   269 C CB  . LEU A 1 34 ? -12.933 -7.294  2.167   1.00 18.99  ? 609 LEU A CB  1 
ATOM   270 C CG  . LEU A 1 34 ? -13.432 -5.960  1.635   1.00 22.48  ? 609 LEU A CG  1 
ATOM   271 C CD1 . LEU A 1 34 ? -13.212 -5.817  0.111   1.00 21.75  ? 609 LEU A CD1 1 
ATOM   272 C CD2 . LEU A 1 34 ? -14.904 -5.770  1.967   1.00 22.68  ? 609 LEU A CD2 1 
ATOM   273 N N   . LEU A 1 35 ? -10.446 -6.526  4.129   1.00 17.64  ? 610 LEU A N   1 
ATOM   274 C CA  . LEU A 1 35 ? -9.703  -5.496  4.859   1.00 18.40  ? 610 LEU A CA  1 
ATOM   275 C C   . LEU A 1 35 ? -8.310  -5.283  4.237   1.00 20.64  ? 610 LEU A C   1 
ATOM   276 O O   . LEU A 1 35 ? -7.907  -4.143  4.018   1.00 18.92  ? 610 LEU A O   1 
ATOM   277 C CB  . LEU A 1 35 ? -9.563  -5.883  6.354   1.00 18.79  ? 610 LEU A CB  1 
ATOM   278 C CG  . LEU A 1 35 ? -8.689  -4.957  7.221   1.00 25.51  ? 610 LEU A CG  1 
ATOM   279 C CD1 . LEU A 1 35 ? -9.296  -3.576  7.336   1.00 26.79  ? 610 LEU A CD1 1 
ATOM   280 C CD2 . LEU A 1 35 ? -8.429  -5.562  8.603   1.00 27.80  ? 610 LEU A CD2 1 
ATOM   281 N N   . ILE A 1 36 ? -7.605  -6.379  3.936   1.00 17.22  ? 611 ILE A N   1 
ATOM   282 C CA  . ILE A 1 36 ? -6.222  -6.290  3.400   1.00 17.08  ? 611 ILE A CA  1 
ATOM   283 C C   . ILE A 1 36 ? -6.257  -5.819  1.954   1.00 18.94  ? 611 ILE A C   1 
ATOM   284 O O   . ILE A 1 36 ? -5.429  -5.002  1.559   1.00 18.16  ? 611 ILE A O   1 
ATOM   285 C CB  . ILE A 1 36 ? -5.463  -7.624  3.606   1.00 19.89  ? 611 ILE A CB  1 
ATOM   286 C CG1 . ILE A 1 36 ? -5.576  -8.066  5.099   1.00 19.75  ? 611 ILE A CG1 1 
ATOM   287 C CG2 . ILE A 1 36 ? -3.977  -7.525  3.140   1.00 20.64  ? 611 ILE A CG2 1 
ATOM   288 C CD1 . ILE A 1 36 ? -4.948  -7.065  6.163   1.00 23.08  ? 611 ILE A CD1 1 
ATOM   289 N N   . PHE A 1 37 ? -7.232  -6.297  1.169   1.00 16.47  ? 612 PHE A N   1 
ATOM   290 C CA  . PHE A 1 37 ? -7.424  -5.842  -0.207  1.00 15.97  ? 612 PHE A CA  1 
ATOM   291 C C   . PHE A 1 37 ? -7.541  -4.304  -0.251  1.00 19.48  ? 612 PHE A C   1 
ATOM   292 O O   . PHE A 1 37 ? -6.923  -3.640  -1.083  1.00 18.64  ? 612 PHE A O   1 
ATOM   293 C CB  . PHE A 1 37 ? -8.725  -6.480  -0.754  1.00 17.93  ? 612 PHE A CB  1 
ATOM   294 C CG  . PHE A 1 37 ? -9.057  -5.974  -2.135  1.00 20.13  ? 612 PHE A CG  1 
ATOM   295 C CD1 . PHE A 1 37 ? -8.466  -6.539  -3.256  1.00 23.85  ? 612 PHE A CD1 1 
ATOM   296 C CD2 . PHE A 1 37 ? -9.967  -4.935  -2.316  1.00 22.66  ? 612 PHE A CD2 1 
ATOM   297 C CE1 . PHE A 1 37 ? -8.764  -6.063  -4.537  1.00 26.00  ? 612 PHE A CE1 1 
ATOM   298 C CE2 . PHE A 1 37 ? -10.251 -4.447  -3.596  1.00 25.51  ? 612 PHE A CE2 1 
ATOM   299 C CZ  . PHE A 1 37 ? -9.655  -5.028  -4.698  1.00 24.54  ? 612 PHE A CZ  1 
ATOM   300 N N   . GLU A 1 38 ? -8.369  -3.753  0.646   1.00 16.47  ? 613 GLU A N   1 
ATOM   301 C CA  A GLU A 1 38 ? -8.601  -2.315  0.711   0.64 16.69  ? 613 GLU A CA  1 
ATOM   302 C CA  B GLU A 1 38 ? -8.608  -2.312  0.755   0.36 16.60  ? 613 GLU A CA  1 
ATOM   303 C C   . GLU A 1 38 ? -7.304  -1.543  1.017   1.00 20.13  ? 613 GLU A C   1 
ATOM   304 O O   . GLU A 1 38 ? -7.052  -0.505  0.391   1.00 18.51  ? 613 GLU A O   1 
ATOM   305 C CB  A GLU A 1 38 ? -9.683  -2.013  1.751   0.64 18.33  ? 613 GLU A CB  1 
ATOM   306 C CB  B GLU A 1 38 ? -9.618  -2.033  1.881   0.36 18.19  ? 613 GLU A CB  1 
ATOM   307 C CG  A GLU A 1 38 ? -11.076 -2.396  1.275   0.64 22.68  ? 613 GLU A CG  1 
ATOM   308 C CG  B GLU A 1 38 ? -9.967  -0.563  2.032   0.36 26.67  ? 613 GLU A CG  1 
ATOM   309 N N   . ILE A 1 39 ? -6.481  -2.042  1.944   1.00 17.49  ? 614 ILE A N   1 
ATOM   310 C CA  . ILE A 1 39 ? -5.220  -1.363  2.282   1.00 17.00  ? 614 ILE A CA  1 
ATOM   311 C C   . ILE A 1 39 ? -4.298  -1.364  1.040   1.00 18.91  ? 614 ILE A C   1 
ATOM   312 O O   . ILE A 1 39 ? -3.738  -0.319  0.678   1.00 17.70  ? 614 ILE A O   1 
ATOM   313 C CB  . ILE A 1 39 ? -4.535  -1.987  3.526   1.00 19.34  ? 614 ILE A CB  1 
ATOM   314 C CG1 . ILE A 1 39 ? -5.432  -1.858  4.800   1.00 20.17  ? 614 ILE A CG1 1 
ATOM   315 C CG2 . ILE A 1 39 ? -3.175  -1.313  3.772   1.00 19.81  ? 614 ILE A CG2 1 
ATOM   316 C CD1 . ILE A 1 39 ? -4.966  -2.789  5.986   1.00 21.64  ? 614 ILE A CD1 1 
ATOM   317 N N   . LEU A 1 40 ? -4.178  -2.532  0.382   1.00 16.20  ? 615 LEU A N   1 
ATOM   318 C CA  . LEU A 1 40 ? -3.375  -2.691  -0.836  1.00 15.77  ? 615 LEU A CA  1 
ATOM   319 C C   . LEU A 1 40 ? -3.887  -1.789  -1.960  1.00 21.01  ? 615 LEU A C   1 
ATOM   320 O O   . LEU A 1 40 ? -3.073  -1.198  -2.667  1.00 20.29  ? 615 LEU A O   1 
ATOM   321 C CB  . LEU A 1 40 ? -3.378  -4.165  -1.281  1.00 16.05  ? 615 LEU A CB  1 
ATOM   322 C CG  . LEU A 1 40 ? -2.526  -5.105  -0.411  1.00 19.45  ? 615 LEU A CG  1 
ATOM   323 C CD1 . LEU A 1 40 ? -2.919  -6.578  -0.642  1.00 19.61  ? 615 LEU A CD1 1 
ATOM   324 C CD2 . LEU A 1 40 ? -0.991  -4.875  -0.678  1.00 19.61  ? 615 LEU A CD2 1 
ATOM   325 N N   . GLN A 1 41 ? -5.236  -1.653  -2.098  1.00 18.86  ? 616 GLN A N   1 
ATOM   326 C CA  . GLN A 1 41 ? -5.831  -0.796  -3.123  1.00 20.28  ? 616 GLN A CA  1 
ATOM   327 C C   . GLN A 1 41 ? -5.454  0.669   -2.877  1.00 23.24  ? 616 GLN A C   1 
ATOM   328 O O   . GLN A 1 41 ? -5.079  1.353   -3.820  1.00 23.26  ? 616 GLN A O   1 
ATOM   329 C CB  . GLN A 1 41 ? -7.364  -0.970  -3.162  1.00 22.69  ? 616 GLN A CB  1 
ATOM   330 C CG  . GLN A 1 41 ? -7.900  -1.469  -4.497  1.00 52.77  ? 616 GLN A CG  1 
ATOM   331 C CD  . GLN A 1 41 ? -7.892  -0.404  -5.571  1.00 83.04  ? 616 GLN A CD  1 
ATOM   332 O OE1 . GLN A 1 41 ? -8.536  0.646   -5.452  1.00 81.67  ? 616 GLN A OE1 1 
ATOM   333 N NE2 . GLN A 1 41 ? -7.170  -0.659  -6.653  1.00 78.42  ? 616 GLN A NE2 1 
ATOM   334 N N   . ARG A 1 42 ? -5.486  1.133   -1.614  1.00 20.61  ? 617 ARG A N   1 
ATOM   335 C CA  . ARG A 1 42 ? -5.101  2.515   -1.283  1.00 20.32  ? 617 ARG A CA  1 
ATOM   336 C C   . ARG A 1 42 ? -3.597  2.743   -1.576  1.00 23.47  ? 617 ARG A C   1 
ATOM   337 O O   . ARG A 1 42 ? -3.212  3.796   -2.092  1.00 21.43  ? 617 ARG A O   1 
ATOM   338 C CB  . ARG A 1 42 ? -5.392  2.839   0.192   1.00 22.40  ? 617 ARG A CB  1 
ATOM   339 C CG  . ARG A 1 42 ? -6.843  3.147   0.525   1.00 32.69  ? 617 ARG A CG  1 
ATOM   340 C CD  . ARG A 1 42 ? -6.947  3.795   1.898   1.00 34.86  ? 617 ARG A CD  1 
ATOM   341 N N   . LEU A 1 43 ? -2.752  1.747   -1.269  1.00 20.22  ? 618 LEU A N   1 
ATOM   342 C CA  . LEU A 1 43 ? -1.313  1.870   -1.534  1.00 20.97  ? 618 LEU A CA  1 
ATOM   343 C C   . LEU A 1 43 ? -1.035  1.957   -3.058  1.00 24.48  ? 618 LEU A C   1 
ATOM   344 O O   . LEU A 1 43 ? -0.179  2.744   -3.494  1.00 23.51  ? 618 LEU A O   1 
ATOM   345 C CB  . LEU A 1 43 ? -0.535  0.703   -0.903  1.00 20.43  ? 618 LEU A CB  1 
ATOM   346 C CG  . LEU A 1 43 ? -0.431  0.763   0.620   1.00 24.02  ? 618 LEU A CG  1 
ATOM   347 C CD1 . LEU A 1 43 ? 0.096   -0.539  1.161   1.00 23.45  ? 618 LEU A CD1 1 
ATOM   348 C CD2 . LEU A 1 43 ? 0.463   1.915   1.066   1.00 24.31  ? 618 LEU A CD2 1 
ATOM   349 N N   . SER A 1 44 ? -1.789  1.189   -3.851  1.00 22.07  ? 619 SER A N   1 
ATOM   350 C CA  . SER A 1 44 ? -1.647  1.182   -5.323  1.00 22.74  ? 619 SER A CA  1 
ATOM   351 C C   . SER A 1 44 ? -2.056  2.538   -5.929  1.00 30.41  ? 619 SER A C   1 
ATOM   352 O O   . SER A 1 44 ? -1.545  2.889   -6.992  1.00 29.36  ? 619 SER A O   1 
ATOM   353 C CB  . SER A 1 44 ? -2.450  0.047   -5.953  1.00 27.78  ? 619 SER A CB  1 
ATOM   354 O OG  . SER A 1 44 ? -3.832  0.352   -6.027  1.00 34.50  ? 619 SER A OG  1 
ATOM   355 N N   . GLU A 1 45 ? -2.958  3.294   -5.244  1.00 29.96  ? 620 GLU A N   1 
ATOM   356 C CA  A GLU A 1 45 ? -3.431  4.615   -5.671  0.56 31.29  ? 620 GLU A CA  1 
ATOM   357 C CA  B GLU A 1 45 ? -3.418  4.605   -5.704  0.44 31.30  ? 620 GLU A CA  1 
ATOM   358 C C   . GLU A 1 45 ? -2.339  5.655   -5.463  1.00 39.09  ? 620 GLU A C   1 
ATOM   359 O O   . GLU A 1 45 ? -2.238  6.604   -6.240  1.00 39.63  ? 620 GLU A O   1 
ATOM   360 C CB  A GLU A 1 45 ? -4.696  5.025   -4.891  0.56 32.70  ? 620 GLU A CB  1 
ATOM   361 C CB  B GLU A 1 45 ? -4.739  5.006   -5.022  0.44 32.74  ? 620 GLU A CB  1 
ATOM   362 C CG  A GLU A 1 45 ? -5.955  4.268   -5.285  0.56 42.39  ? 620 GLU A CG  1 
ATOM   363 C CG  B GLU A 1 45 ? -5.961  4.266   -5.556  0.44 42.95  ? 620 GLU A CG  1 
ATOM   364 C CD  A GLU A 1 45 ? -7.161  4.455   -4.382  0.56 62.41  ? 620 GLU A CD  1 
ATOM   365 C CD  B GLU A 1 45 ? -6.372  4.559   -6.988  0.44 63.27  ? 620 GLU A CD  1 
ATOM   366 O OE1 A GLU A 1 45 ? -7.221  5.466   -3.642  0.56 57.70  ? 620 GLU A OE1 1 
ATOM   367 O OE1 B GLU A 1 45 ? -6.190  5.710   -7.449  0.44 59.55  ? 620 GLU A OE1 1 
ATOM   368 O OE2 A GLU A 1 45 ? -8.063  3.587   -4.429  0.56 57.60  ? 620 GLU A OE2 1 
ATOM   369 O OE2 B GLU A 1 45 ? -6.909  3.637   -7.644  0.44 54.63  ? 620 GLU A OE2 1 
ATOM   370 N N   . LEU A 1 46 ? -1.515  5.479   -4.405  1.00 39.70  ? 621 LEU A N   1 
ATOM   371 C CA  . LEU A 1 46 ? -0.401  6.381   -4.092  1.00 42.08  ? 621 LEU A CA  1 
ATOM   372 C C   . LEU A 1 46 ? 0.695   6.216   -5.119  1.00 52.73  ? 621 LEU A C   1 
ATOM   373 O O   . LEU A 1 46 ? 1.292   7.202   -5.556  1.00 53.52  ? 621 LEU A O   1 
ATOM   374 C CB  . LEU A 1 46 ? 0.180   6.102   -2.694  1.00 42.37  ? 621 LEU A CB  1 
ATOM   375 C CG  . LEU A 1 46 ? -0.731  6.316   -1.510  1.00 47.88  ? 621 LEU A CG  1 
ATOM   376 C CD1 . LEU A 1 46 ? -0.176  5.624   -0.288  1.00 48.08  ? 621 LEU A CD1 1 
ATOM   377 C CD2 . LEU A 1 46 ? -0.983  7.803   -1.258  1.00 51.11  ? 621 LEU A CD2 1 
ATOM   378 N N   . LYS A 1 47 ? 0.965   4.953   -5.502  1.00 53.11  ? 622 LYS A N   1 
ATOM   379 C CA  . LYS A 1 47 ? 1.986   4.604   -6.480  1.00 54.86  ? 622 LYS A CA  1 
ATOM   380 C C   . LYS A 1 47 ? 1.614   5.151   -7.866  1.00 62.58  ? 622 LYS A C   1 
ATOM   381 O O   . LYS A 1 47 ? 2.503   5.529   -8.635  1.00 62.44  ? 622 LYS A O   1 
ATOM   382 C CB  . LYS A 1 47 ? 2.177   3.090   -6.518  1.00 57.55  ? 622 LYS A CB  1 
ATOM   383 C CG  . LYS A 1 47 ? 3.637   2.674   -6.460  1.00 75.04  ? 622 LYS A CG  1 
ATOM   384 C CD  . LYS A 1 47 ? 4.053   1.807   -7.623  1.00 87.39  ? 622 LYS A CD  1 
ATOM   385 C CE  . LYS A 1 47 ? 4.604   2.629   -8.763  1.00 102.69 ? 622 LYS A CE  1 
ATOM   386 N NZ  . LYS A 1 47 ? 5.127   1.767   -9.855  1.00 113.87 ? 622 LYS A NZ  1 
ATOM   387 N N   . ARG A 1 48 ? 0.296   5.222   -8.153  1.00 61.58  ? 623 ARG A N   1 
ATOM   388 C CA  . ARG A 1 48 ? -0.273  5.765   -9.389  1.00 62.53  ? 623 ARG A CA  1 
ATOM   389 C C   . ARG A 1 48 ? -0.395  7.293   -9.287  1.00 68.85  ? 623 ARG A C   1 
ATOM   390 O O   . ARG A 1 48 ? -0.442  7.973   -10.314 1.00 68.72  ? 623 ARG A O   1 
ATOM   391 C CB  . ARG A 1 48 ? -1.652  5.138   -9.651  1.00 62.40  ? 623 ARG A CB  1 
ATOM   392 C CG  . ARG A 1 48 ? -2.010  5.037   -11.126 1.00 72.74  ? 623 ARG A CG  1 
ATOM   393 N N   . PHE A 1 49 ? -0.462  7.816   -8.035  1.00 67.01  ? 624 PHE A N   1 
ATOM   394 C CA  . PHE A 1 49 ? -0.630  9.221   -7.618  1.00 67.60  ? 624 PHE A CA  1 
ATOM   395 C C   . PHE A 1 49 ? -2.079  9.700   -7.846  1.00 72.77  ? 624 PHE A C   1 
ATOM   396 O O   . PHE A 1 49 ? -2.614  10.414  -6.998  1.00 72.51  ? 624 PHE A O   1 
ATOM   397 C CB  . PHE A 1 49 ? 0.381   10.170  -8.287  1.00 69.56  ? 624 PHE A CB  1 
ATOM   398 N N   . ASP A 1 50 ? -2.707  9.299   -8.973  1.00 70.01  ? 625 ASP A N   1 
ATOM   399 C CA  . ASP A 1 50 ? -4.079  9.659   -9.337  1.00 105.19 ? 625 ASP A CA  1 
ATOM   400 C C   . ASP A 1 50 ? -4.764  8.503   -10.068 1.00 138.03 ? 625 ASP A C   1 
ATOM   401 O O   . ASP A 1 50 ? -5.991  8.411   -10.073 1.00 100.23 ? 625 ASP A O   1 
ATOM   402 C CB  . ASP A 1 50 ? -4.093  10.924  -10.208 1.00 107.05 ? 625 ASP A CB  1 
HETATM 403 O O   . HOH B 2 .  ? 6.000   -11.223 4.289   1.00 40.42  ? 701 HOH A O   1 
HETATM 404 O O   . HOH B 2 .  ? 17.945  0.285   -1.026  1.00 58.67  ? 702 HOH A O   1 
HETATM 405 O O   . HOH B 2 .  ? -4.247  14.427  -0.014  1.00 58.81  ? 703 HOH A O   1 
HETATM 406 O O   . HOH B 2 .  ? -10.881 2.032   -5.301  1.00 51.16  ? 704 HOH A O   1 
HETATM 407 O O   . HOH B 2 .  ? 4.153   5.239   -10.798 1.00 74.08  ? 705 HOH A O   1 
HETATM 408 O O   . HOH B 2 .  ? 7.954   1.865   -5.322  1.00 36.05  ? 706 HOH A O   1 
HETATM 409 O O   . HOH B 2 .  ? 3.439   -10.842 5.763   1.00 29.13  ? 707 HOH A O   1 
HETATM 410 O O   . HOH B 2 .  ? 7.820   7.889   5.338   1.00 98.09  ? 708 HOH A O   1 
HETATM 411 O O   . HOH B 2 .  ? 10.493  -5.899  5.675   1.00 47.08  ? 709 HOH A O   1 
HETATM 412 O O   . HOH B 2 .  ? -11.761 -13.740 1.907   1.00 33.84  ? 710 HOH A O   1 
HETATM 413 O O   . HOH B 2 .  ? -13.005 -10.747 3.637   1.00 38.50  ? 711 HOH A O   1 
HETATM 414 O O   . HOH B 2 .  ? -3.401  -15.420 -5.787  1.00 50.02  ? 712 HOH A O   1 
HETATM 415 O O   . HOH B 2 .  ? -5.203  -17.147 -0.820  1.00 38.23  ? 713 HOH A O   1 
HETATM 416 O O   . HOH B 2 .  ? -4.533  6.268   -1.514  1.00 42.44  ? 714 HOH A O   1 
HETATM 417 O O   . HOH B 2 .  ? -8.310  -16.689 -5.357  1.00 51.60  ? 715 HOH A O   1 
HETATM 418 O O   . HOH B 2 .  ? 15.639  3.366   2.173   1.00 58.38  ? 716 HOH A O   1 
HETATM 419 O O   . HOH B 2 .  ? 1.823   -15.818 1.541   1.00 43.80  ? 717 HOH A O   1 
HETATM 420 O O   . HOH B 2 .  ? -8.473  -15.447 7.511   1.00 49.93  ? 718 HOH A O   1 
HETATM 421 O O   . HOH B 2 .  ? -5.456  -16.066 11.219  1.00 66.37  ? 719 HOH A O   1 
HETATM 422 O O   . HOH B 2 .  ? -12.012 -16.418 1.504   1.00 43.25  ? 720 HOH A O   1 
HETATM 423 O O   . HOH B 2 .  ? 15.510  -3.274  -0.199  1.00 84.95  ? 721 HOH A O   1 
HETATM 424 O O   . HOH B 2 .  ? 9.257   -6.856  3.230   1.00 37.30  ? 722 HOH A O   1 
HETATM 425 O O   . HOH B 2 .  ? -9.240  1.465   -1.037  1.00 51.34  ? 723 HOH A O   1 
HETATM 426 O O   . HOH B 2 .  ? 7.588   5.723   3.720   1.00 21.68  ? 724 HOH A O   1 
HETATM 427 O O   . HOH B 2 .  ? 18.328  3.033   1.893   1.00 58.73  ? 725 HOH A O   1 
HETATM 428 O O   . HOH B 2 .  ? -1.671  17.998  1.552   1.00 43.94  ? 726 HOH A O   1 
HETATM 429 O O   . HOH B 2 .  ? -3.984  17.080  0.501   1.00 51.84  ? 727 HOH A O   1 
HETATM 430 O O   . HOH B 2 .  ? 1.964   -13.601 6.063   1.00 45.30  ? 728 HOH A O   1 
HETATM 431 O O   . HOH B 2 .  ? 8.693   3.450   -9.352  1.00 69.61  ? 729 HOH A O   1 
HETATM 432 O O   . HOH B 2 .  ? 0.655   -18.424 2.036   1.00 55.52  ? 730 HOH A O   1 
HETATM 433 O O   . HOH B 2 .  ? -7.821  -17.719 -1.158  1.00 43.00  ? 731 HOH A O   1 
HETATM 434 O O   . HOH B 2 .  ? 0.233   17.904  3.428   1.00 76.11  ? 732 HOH A O   1 
HETATM 435 O O   . HOH B 2 .  ? 7.297   5.020   -3.210  1.00 45.33  ? 733 HOH A O   1 
HETATM 436 O O   . HOH B 2 .  ? 5.127   -8.174  -3.601  1.00 54.54  ? 734 HOH A O   1 
HETATM 437 O O   . HOH B 2 .  ? 3.816   9.449   -11.189 1.00 68.93  ? 735 HOH A O   1 
HETATM 438 O O   . HOH B 2 .  ? -2.654  4.542   2.414   1.00 39.39  ? 736 HOH A O   1 
HETATM 439 O O   . HOH B 2 .  ? 5.607   4.949   -5.286  1.00 66.35  ? 737 HOH A O   1 
HETATM 440 O O   . HOH B 2 .  ? 10.240  -6.270  8.371   1.00 46.20  ? 738 HOH A O   1 
HETATM 441 O O   . HOH B 2 .  ? -10.181 2.752   1.825   1.00 94.76  ? 739 HOH A O   1 
HETATM 442 O O   . HOH B 2 .  ? -5.283  2.365   4.539   0.50 47.16  ? 740 HOH A O   1 
HETATM 443 O O   . HOH B 2 .  ? 4.626   -10.553 8.293   1.00 57.22  ? 741 HOH A O   1 
# 
